data_5FJZ
#
_entry.id   5FJZ
#
_cell.length_a   72.810
_cell.length_b   72.810
_cell.length_c   343.290
_cell.angle_alpha   90.00
_cell.angle_beta   90.00
_cell.angle_gamma   120.00
#
_symmetry.space_group_name_H-M   'P 31 2 1'
#
loop_
_entity.id
_entity.type
_entity.pdbx_description
1 polymer 'COATOMER SUBUNIT DELTA'
2 polymer 'PROTEIN TRANSPORT PROTEIN DSL1'
3 water water
#
loop_
_entity_poly.entity_id
_entity_poly.type
_entity_poly.pdbx_seq_one_letter_code
_entity_poly.pdbx_strand_id
1 'polypeptide(L)'
;GPLGSEEDVPENNGILISIKEVINAEFSRDGTIHSSELKGVLELRINDHDLSHSNLKLADSIDVRDKSFQFKTHPNIDKQ
SFLSTKLISLRDKSKAFPANDQSLGVLRWRKVAPAEDDSLIPLTLTTAVSPSESQQGFDVIIEYESVLETELADVIFTIP
VFPQEPVDINTESSTCSDAEVVNMDQEMGTSIKISKIAANDAGALAFTIEAPYEDALYPMTVSFQESTRDKLAKSFTGMA
IQSVVMANDHDQELPYDVITSLKSDEYLVQ
;
A,B,C,D
2 'polypeptide(L)' DDWNWEVED P,Q,R,S
#
# COMPACT_ATOMS: atom_id res chain seq x y z
N VAL A 9 -3.81 9.21 -22.84
CA VAL A 9 -2.41 9.68 -22.95
C VAL A 9 -2.31 10.83 -23.95
N PRO A 10 -1.98 12.02 -23.47
CA PRO A 10 -1.81 13.16 -24.37
C PRO A 10 -0.72 12.93 -25.40
N GLU A 11 -0.88 13.46 -26.60
CA GLU A 11 0.13 13.32 -27.65
C GLU A 11 1.29 14.28 -27.42
N ASN A 12 2.46 13.79 -27.70
CA ASN A 12 3.69 14.52 -27.57
C ASN A 12 4.21 14.73 -28.97
N ASN A 13 4.51 15.98 -29.34
CA ASN A 13 5.01 16.24 -30.70
C ASN A 13 6.54 16.47 -30.76
N GLY A 14 7.17 16.26 -29.60
CA GLY A 14 8.60 16.41 -29.41
C GLY A 14 8.98 16.53 -27.96
N ILE A 15 8.65 17.67 -27.39
CA ILE A 15 8.73 17.93 -25.96
C ILE A 15 7.35 18.19 -25.42
N LEU A 16 6.99 17.49 -24.33
CA LEU A 16 5.76 17.78 -23.62
C LEU A 16 6.04 17.89 -22.17
N ILE A 17 5.67 19.05 -21.58
CA ILE A 17 5.88 19.29 -20.17
C ILE A 17 4.53 19.25 -19.45
N SER A 18 4.43 18.47 -18.37
CA SER A 18 3.20 18.33 -17.61
CA SER A 18 3.20 18.33 -17.63
C SER A 18 3.43 18.87 -16.23
N ILE A 19 2.58 19.84 -15.79
CA ILE A 19 2.67 20.34 -14.46
C ILE A 19 1.44 19.87 -13.71
N LYS A 20 1.66 18.95 -12.77
CA LYS A 20 0.51 18.23 -12.16
C LYS A 20 0.42 18.54 -10.71
N GLU A 21 -0.69 19.07 -10.24
CA GLU A 21 -0.93 19.36 -8.81
C GLU A 21 -2.07 18.58 -8.24
N VAL A 22 -1.88 18.08 -7.04
CA VAL A 22 -2.88 17.31 -6.30
C VAL A 22 -3.15 17.94 -4.94
N ILE A 23 -4.43 18.12 -4.62
CA ILE A 23 -4.84 18.85 -3.44
C ILE A 23 -5.58 17.93 -2.51
N ASN A 24 -5.16 17.91 -1.26
CA ASN A 24 -5.87 17.34 -0.15
C ASN A 24 -6.41 18.50 0.72
N ALA A 25 -7.62 18.31 1.22
CA ALA A 25 -8.22 19.28 2.11
C ALA A 25 -9.25 18.58 3.01
N GLU A 26 -9.35 18.97 4.26
CA GLU A 26 -10.36 18.45 5.19
C GLU A 26 -11.14 19.57 5.92
N PHE A 27 -12.42 19.36 6.03
CA PHE A 27 -13.38 20.40 6.60
C PHE A 27 -14.19 19.75 7.68
N SER A 28 -14.48 20.49 8.78
CA SER A 28 -15.49 20.09 9.65
C SER A 28 -16.86 20.17 8.96
N ARG A 29 -17.90 19.58 9.55
CA ARG A 29 -19.23 19.58 8.86
C ARG A 29 -19.75 20.98 8.68
N ASP A 30 -19.37 21.93 9.54
CA ASP A 30 -19.80 23.30 9.41
C ASP A 30 -18.92 24.15 8.50
N GLY A 31 -17.97 23.52 7.80
CA GLY A 31 -17.18 24.20 6.85
C GLY A 31 -15.89 24.76 7.43
N THR A 32 -15.61 24.56 8.70
CA THR A 32 -14.32 25.07 9.21
C THR A 32 -13.18 24.26 8.62
N ILE A 33 -12.19 24.92 8.06
CA ILE A 33 -11.02 24.25 7.45
C ILE A 33 -10.17 23.64 8.54
N HIS A 34 -9.95 22.32 8.48
CA HIS A 34 -8.94 21.65 9.31
C HIS A 34 -7.52 21.61 8.81
N SER A 35 -7.32 21.41 7.48
CA SER A 35 -6.01 21.19 6.94
C SER A 35 -6.10 21.09 5.51
N SER A 36 -4.94 21.25 4.86
CA SER A 36 -4.80 21.11 3.47
C SER A 36 -3.34 20.79 3.12
N GLU A 37 -3.17 20.18 1.96
CA GLU A 37 -1.87 19.81 1.47
C GLU A 37 -1.90 19.69 -0.02
N LEU A 38 -1.02 20.42 -0.66
CA LEU A 38 -0.86 20.45 -2.08
C LEU A 38 0.46 19.75 -2.45
N LYS A 39 0.42 18.88 -3.44
CA LYS A 39 1.64 18.21 -3.96
C LYS A 39 1.76 18.45 -5.36
N GLY A 40 2.95 18.77 -5.84
CA GLY A 40 3.10 18.97 -7.31
C GLY A 40 4.27 18.27 -7.90
N VAL A 41 4.20 18.03 -9.19
CA VAL A 41 5.33 17.50 -9.93
C VAL A 41 5.39 18.13 -11.27
N LEU A 42 6.60 18.32 -11.79
CA LEU A 42 6.86 18.72 -13.12
C LEU A 42 7.46 17.52 -13.87
N GLU A 43 6.75 17.04 -14.89
CA GLU A 43 7.15 15.89 -15.67
C GLU A 43 7.53 16.33 -17.08
N LEU A 44 8.57 15.74 -17.59
CA LEU A 44 9.07 15.96 -18.93
C LEU A 44 8.96 14.69 -19.77
N ARG A 45 8.38 14.79 -20.96
CA ARG A 45 8.34 13.74 -21.95
C ARG A 45 9.07 14.27 -23.18
N ILE A 46 10.01 13.49 -23.66
CA ILE A 46 10.69 13.76 -24.89
C ILE A 46 10.66 12.58 -25.85
N ASN A 47 10.25 12.81 -27.09
CA ASN A 47 10.14 11.70 -28.00
C ASN A 47 10.89 11.92 -29.31
N ASP A 48 11.72 12.96 -29.33
CA ASP A 48 12.60 13.27 -30.49
C ASP A 48 14.00 13.46 -29.99
N HIS A 49 14.89 12.58 -30.41
CA HIS A 49 16.26 12.59 -29.94
CA HIS A 49 16.30 12.61 -29.91
C HIS A 49 16.99 13.96 -30.13
N ASP A 50 16.60 14.67 -31.19
CA ASP A 50 17.17 15.98 -31.46
C ASP A 50 16.81 17.00 -30.42
N LEU A 51 15.82 16.69 -29.56
CA LEU A 51 15.40 17.61 -28.52
C LEU A 51 15.82 17.22 -27.09
N SER A 52 16.66 16.18 -26.97
CA SER A 52 16.94 15.54 -25.74
C SER A 52 18.05 16.24 -24.97
N HIS A 53 18.81 17.10 -25.64
CA HIS A 53 19.89 17.86 -24.97
C HIS A 53 19.40 19.26 -24.66
N SER A 54 18.35 19.30 -23.84
CA SER A 54 17.56 20.49 -23.63
C SER A 54 17.52 20.85 -22.18
N ASN A 55 17.23 22.12 -21.90
CA ASN A 55 17.06 22.59 -20.57
C ASN A 55 15.78 23.42 -20.50
N LEU A 56 15.13 23.40 -19.34
CA LEU A 56 13.81 24.06 -19.21
C LEU A 56 14.03 25.28 -18.37
N LYS A 57 13.46 26.42 -18.79
CA LYS A 57 13.55 27.63 -17.97
C LYS A 57 12.19 27.84 -17.38
N LEU A 58 12.11 27.86 -16.05
CA LEU A 58 10.83 28.11 -15.41
C LEU A 58 10.48 29.59 -15.53
N ALA A 59 9.18 29.90 -15.45
CA ALA A 59 8.69 31.31 -15.53
C ALA A 59 9.32 32.19 -14.45
N ASP A 60 9.62 33.41 -14.88
CA ASP A 60 10.35 34.35 -14.02
C ASP A 60 9.51 34.66 -12.78
N SER A 61 8.19 34.48 -12.88
CA SER A 61 7.28 34.78 -11.73
C SER A 61 7.36 33.79 -10.59
N ILE A 62 8.07 32.69 -10.78
CA ILE A 62 8.12 31.65 -9.73
C ILE A 62 9.19 31.97 -8.77
N ASP A 63 8.86 31.78 -7.51
CA ASP A 63 9.92 31.86 -6.52
C ASP A 63 10.46 30.46 -6.11
N VAL A 64 11.64 30.14 -6.61
CA VAL A 64 12.29 28.83 -6.31
C VAL A 64 12.99 28.78 -4.92
N ARG A 65 13.05 29.93 -4.23
CA ARG A 65 13.61 29.96 -2.86
CA ARG A 65 13.61 30.02 -2.86
C ARG A 65 12.53 30.05 -1.79
N ASP A 66 11.29 29.77 -2.17
CA ASP A 66 10.20 29.75 -1.18
C ASP A 66 10.31 28.37 -0.51
N LYS A 67 10.84 28.38 0.69
CA LYS A 67 11.10 27.11 1.37
C LYS A 67 9.77 26.35 1.74
N SER A 68 8.67 27.10 1.87
CA SER A 68 7.40 26.43 2.29
C SER A 68 6.95 25.47 1.16
N PHE A 69 7.50 25.57 -0.03
CA PHE A 69 7.23 24.62 -1.11
C PHE A 69 8.11 23.34 -1.17
N GLN A 70 9.15 23.30 -0.36
CA GLN A 70 10.22 22.27 -0.40
C GLN A 70 10.42 21.74 -1.82
N PHE A 71 10.85 22.60 -2.70
CA PHE A 71 11.20 22.27 -4.08
C PHE A 71 12.32 21.23 -4.01
N LYS A 72 12.13 20.16 -4.74
CA LYS A 72 13.06 18.99 -4.64
C LYS A 72 13.28 18.56 -6.06
N THR A 73 14.53 18.61 -6.49
CA THR A 73 14.90 18.20 -7.82
C THR A 73 15.26 16.69 -7.82
N HIS A 74 14.98 16.10 -8.92
CA HIS A 74 15.32 14.68 -9.11
C HIS A 74 16.82 14.50 -8.89
N PRO A 75 17.25 13.36 -8.30
CA PRO A 75 18.71 13.14 -8.14
C PRO A 75 19.61 13.45 -9.34
N ASN A 76 19.14 13.22 -10.55
CA ASN A 76 19.90 13.53 -11.78
C ASN A 76 19.83 14.96 -12.28
N ILE A 77 19.08 15.80 -11.61
CA ILE A 77 18.87 17.18 -12.03
C ILE A 77 19.81 17.97 -11.12
N ASP A 78 20.38 19.02 -11.69
CA ASP A 78 21.32 19.93 -11.01
C ASP A 78 20.59 20.98 -10.09
N LYS A 79 20.62 20.72 -8.80
CA LYS A 79 19.92 21.54 -7.81
C LYS A 79 20.40 22.98 -7.83
N GLN A 80 21.73 23.16 -7.99
CA GLN A 80 22.30 24.53 -7.95
C GLN A 80 21.82 25.38 -9.08
N SER A 81 21.78 24.83 -10.31
CA SER A 81 21.19 25.55 -11.45
C SER A 81 19.67 25.88 -11.30
N PHE A 82 18.93 24.99 -10.68
CA PHE A 82 17.52 25.29 -10.43
C PHE A 82 17.36 26.50 -9.49
N LEU A 83 18.12 26.44 -8.41
CA LEU A 83 18.10 27.49 -7.39
C LEU A 83 18.66 28.83 -7.91
N SER A 84 19.74 28.76 -8.68
CA SER A 84 20.43 29.96 -9.21
C SER A 84 19.72 30.67 -10.32
N THR A 85 19.22 29.92 -11.29
CA THR A 85 18.63 30.51 -12.50
C THR A 85 17.28 29.96 -12.93
N LYS A 86 16.65 29.12 -12.11
CA LYS A 86 15.31 28.55 -12.43
C LYS A 86 15.35 27.66 -13.63
N LEU A 87 16.47 26.96 -13.74
CA LEU A 87 16.83 26.14 -14.91
C LEU A 87 16.76 24.69 -14.52
N ILE A 88 16.08 23.90 -15.32
CA ILE A 88 16.07 22.45 -15.14
C ILE A 88 17.09 21.92 -16.16
N SER A 89 18.10 21.25 -15.64
CA SER A 89 19.27 20.79 -16.42
C SER A 89 19.83 19.58 -15.71
N LEU A 90 20.51 18.69 -16.45
CA LEU A 90 21.13 17.50 -15.83
C LEU A 90 22.35 17.81 -14.98
N ARG A 91 22.52 17.07 -13.88
CA ARG A 91 23.69 17.23 -12.97
C ARG A 91 24.96 16.73 -13.71
N ASP A 92 24.84 15.72 -14.59
CA ASP A 92 25.96 15.29 -15.49
C ASP A 92 25.82 15.93 -16.83
N LYS A 93 26.66 16.93 -17.13
CA LYS A 93 26.44 17.78 -18.33
C LYS A 93 26.74 17.03 -19.65
N SER A 94 27.40 15.88 -19.58
CA SER A 94 27.59 15.12 -20.78
C SER A 94 26.37 14.25 -21.15
N LYS A 95 25.35 14.13 -20.31
CA LYS A 95 24.24 13.25 -20.64
C LYS A 95 23.08 13.99 -21.23
N ALA A 96 22.06 13.27 -21.68
CA ALA A 96 20.88 13.90 -22.26
C ALA A 96 19.67 13.26 -21.63
N PHE A 97 18.50 13.84 -21.82
CA PHE A 97 17.30 13.24 -21.26
C PHE A 97 16.89 12.01 -22.03
N PRO A 98 16.51 10.96 -21.33
CA PRO A 98 15.84 9.93 -22.10
C PRO A 98 14.76 10.43 -23.05
N ALA A 99 14.78 9.95 -24.29
CA ALA A 99 13.98 10.45 -25.36
C ALA A 99 13.14 9.38 -26.00
N ASN A 100 12.67 8.41 -25.21
CA ASN A 100 11.63 7.47 -25.65
C ASN A 100 10.27 7.67 -24.95
N ASP A 101 9.84 8.93 -24.93
CA ASP A 101 8.57 9.37 -24.46
C ASP A 101 8.22 8.88 -23.05
N GLN A 102 9.21 8.71 -22.21
CA GLN A 102 9.00 8.35 -20.79
C GLN A 102 8.72 9.56 -19.98
N SER A 103 7.85 9.40 -18.99
CA SER A 103 7.47 10.56 -18.15
C SER A 103 8.58 10.71 -17.11
N LEU A 104 9.31 11.79 -17.19
CA LEU A 104 10.44 12.02 -16.34
C LEU A 104 10.09 13.09 -15.29
N GLY A 105 9.92 12.67 -14.03
CA GLY A 105 9.67 13.59 -12.90
C GLY A 105 10.94 14.35 -12.56
N VAL A 106 10.94 15.66 -12.75
CA VAL A 106 12.21 16.41 -12.61
C VAL A 106 12.21 17.28 -11.38
N LEU A 107 11.02 17.67 -10.96
CA LEU A 107 10.88 18.59 -9.87
C LEU A 107 9.58 18.29 -9.15
N ARG A 108 9.59 18.37 -7.86
CA ARG A 108 8.42 18.16 -7.00
C ARG A 108 8.37 19.24 -5.92
N TRP A 109 7.17 19.47 -5.41
CA TRP A 109 6.90 20.46 -4.40
C TRP A 109 5.77 19.99 -3.53
N ARG A 110 5.68 20.55 -2.34
CA ARG A 110 4.64 20.23 -1.40
C ARG A 110 4.45 21.37 -0.43
N LYS A 111 3.21 21.72 -0.18
CA LYS A 111 2.95 22.78 0.80
C LYS A 111 1.75 22.41 1.57
N VAL A 112 1.78 22.76 2.85
CA VAL A 112 0.74 22.48 3.77
C VAL A 112 0.11 23.76 4.31
N ALA A 113 -1.12 23.63 4.74
CA ALA A 113 -1.74 24.77 5.44
C ALA A 113 -2.61 24.25 6.54
N PRO A 114 -2.69 24.99 7.66
CA PRO A 114 -3.35 24.53 8.87
C PRO A 114 -4.88 24.90 8.97
N ALA A 115 -5.42 24.76 10.14
CA ALA A 115 -6.83 25.02 10.41
C ALA A 115 -7.15 26.49 10.05
N GLU A 116 -8.28 26.66 9.42
CA GLU A 116 -8.84 27.98 9.06
C GLU A 116 -8.01 28.75 8.00
N ASP A 117 -7.13 28.08 7.23
CA ASP A 117 -6.34 28.76 6.23
C ASP A 117 -6.75 28.24 4.87
N ASP A 118 -7.25 29.13 3.99
CA ASP A 118 -7.82 28.75 2.72
C ASP A 118 -6.90 28.97 1.54
N SER A 119 -5.64 29.29 1.80
CA SER A 119 -4.76 29.69 0.71
C SER A 119 -4.51 28.62 -0.34
N LEU A 120 -4.63 27.35 0.06
CA LEU A 120 -4.41 26.27 -0.89
C LEU A 120 -5.68 25.63 -1.44
N ILE A 121 -6.86 26.09 -1.01
CA ILE A 121 -8.14 25.40 -1.29
C ILE A 121 -8.83 26.00 -2.53
N PRO A 122 -9.04 25.21 -3.58
CA PRO A 122 -9.79 25.71 -4.70
C PRO A 122 -11.35 25.74 -4.45
N LEU A 123 -11.83 24.84 -3.63
CA LEU A 123 -13.28 24.61 -3.41
C LEU A 123 -13.59 24.42 -1.95
N THR A 124 -14.28 25.37 -1.33
CA THR A 124 -14.67 25.30 0.07
C THR A 124 -15.99 24.59 0.17
N LEU A 125 -16.17 23.85 1.27
CA LEU A 125 -17.33 23.00 1.51
C LEU A 125 -17.94 23.20 2.89
N THR A 126 -19.28 23.09 2.98
CA THR A 126 -19.99 23.12 4.16
C THR A 126 -21.19 22.23 4.02
N THR A 127 -21.65 21.68 5.10
CA THR A 127 -22.83 20.81 5.02
C THR A 127 -23.87 21.23 6.04
N ALA A 128 -25.13 20.93 5.71
CA ALA A 128 -26.26 21.08 6.61
C ALA A 128 -27.14 19.86 6.45
N VAL A 129 -27.50 19.27 7.55
CA VAL A 129 -28.25 18.02 7.55
C VAL A 129 -29.47 18.14 8.47
N SER A 130 -30.59 17.55 8.10
CA SER A 130 -31.75 17.44 8.99
C SER A 130 -32.60 16.21 8.61
N PRO A 131 -33.38 15.67 9.57
CA PRO A 131 -34.12 14.44 9.32
C PRO A 131 -35.10 14.68 8.24
N SER A 132 -35.28 13.72 7.36
CA SER A 132 -36.19 13.91 6.25
C SER A 132 -37.64 13.64 6.64
N GLU A 133 -38.51 14.27 5.86
CA GLU A 133 -39.95 14.21 6.00
C GLU A 133 -40.56 13.09 5.14
N SER A 134 -39.72 12.31 4.46
CA SER A 134 -40.25 11.26 3.58
C SER A 134 -39.52 9.93 3.72
N GLN A 135 -38.19 9.99 3.57
CA GLN A 135 -37.35 8.80 3.65
C GLN A 135 -36.96 8.57 5.10
N GLN A 136 -36.43 7.39 5.40
CA GLN A 136 -35.84 7.05 6.71
C GLN A 136 -34.35 7.48 6.74
N GLY A 137 -34.16 8.78 6.91
CA GLY A 137 -32.84 9.34 6.64
C GLY A 137 -32.90 10.84 6.64
N PHE A 138 -32.13 11.44 5.75
CA PHE A 138 -31.74 12.81 5.94
C PHE A 138 -31.76 13.67 4.70
N ASP A 139 -32.13 14.95 4.90
CA ASP A 139 -32.12 15.98 3.92
C ASP A 139 -30.76 16.69 4.08
N VAL A 140 -29.91 16.53 3.08
CA VAL A 140 -28.59 17.04 3.08
C VAL A 140 -28.45 18.18 2.16
N ILE A 141 -27.67 19.18 2.58
CA ILE A 141 -27.27 20.24 1.72
C ILE A 141 -25.74 20.39 1.81
N ILE A 142 -25.12 20.28 0.67
CA ILE A 142 -23.71 20.54 0.53
C ILE A 142 -23.58 21.86 -0.18
N GLU A 143 -22.92 22.78 0.50
CA GLU A 143 -22.61 24.06 -0.09
C GLU A 143 -21.17 24.19 -0.40
N TYR A 144 -20.93 24.67 -1.59
CA TYR A 144 -19.59 24.80 -2.13
C TYR A 144 -19.36 26.20 -2.68
N GLU A 145 -18.10 26.65 -2.63
CA GLU A 145 -17.67 27.86 -3.25
C GLU A 145 -16.31 27.66 -3.91
N SER A 146 -16.24 27.93 -5.20
CA SER A 146 -15.03 27.87 -5.98
C SER A 146 -14.32 29.19 -5.96
N VAL A 147 -13.00 29.13 -5.79
CA VAL A 147 -12.16 30.29 -6.07
C VAL A 147 -11.33 30.16 -7.37
N LEU A 148 -11.65 29.18 -8.19
CA LEU A 148 -10.94 29.04 -9.42
C LEU A 148 -11.44 30.00 -10.49
N GLU A 149 -10.56 30.33 -11.43
CA GLU A 149 -10.89 31.20 -12.60
C GLU A 149 -11.46 30.42 -13.73
N THR A 150 -11.49 29.11 -13.60
CA THR A 150 -12.08 28.30 -14.68
C THR A 150 -13.11 27.40 -14.04
N GLU A 151 -13.99 26.86 -14.86
CA GLU A 151 -15.09 26.02 -14.41
C GLU A 151 -14.51 24.66 -13.97
N LEU A 152 -15.15 24.02 -12.98
CA LEU A 152 -14.92 22.61 -12.73
C LEU A 152 -16.09 21.84 -13.33
N ALA A 153 -15.77 20.84 -14.16
CA ALA A 153 -16.80 20.04 -14.81
C ALA A 153 -16.86 18.68 -14.15
N ASP A 154 -18.05 18.10 -14.11
CA ASP A 154 -18.24 16.72 -13.60
C ASP A 154 -17.61 16.49 -12.25
N VAL A 155 -18.02 17.28 -11.28
CA VAL A 155 -17.62 17.16 -9.86
C VAL A 155 -18.52 16.14 -9.13
N ILE A 156 -17.91 15.23 -8.43
CA ILE A 156 -18.57 14.09 -7.83
C ILE A 156 -18.50 14.15 -6.32
N PHE A 157 -19.66 14.12 -5.70
CA PHE A 157 -19.77 13.99 -4.23
C PHE A 157 -20.16 12.58 -3.81
N THR A 158 -19.43 12.01 -2.87
CA THR A 158 -19.67 10.62 -2.43
C THR A 158 -20.04 10.62 -0.96
N ILE A 159 -21.13 9.95 -0.65
CA ILE A 159 -21.65 9.75 0.64
C ILE A 159 -21.49 8.28 0.96
N PRO A 160 -20.86 7.94 2.12
CA PRO A 160 -20.50 6.52 2.49
C PRO A 160 -21.62 5.62 3.06
N VAL A 161 -22.71 5.54 2.30
CA VAL A 161 -23.86 4.76 2.70
C VAL A 161 -24.34 4.08 1.44
N PHE A 162 -25.09 3.02 1.62
CA PHE A 162 -25.65 2.29 0.48
C PHE A 162 -27.16 2.10 0.74
N PRO A 163 -27.99 3.06 0.35
CA PRO A 163 -29.35 3.00 0.88
C PRO A 163 -30.20 2.04 0.10
N GLN A 164 -31.19 1.42 0.77
CA GLN A 164 -32.22 0.61 0.09
C GLN A 164 -32.93 1.51 -0.94
N GLU A 165 -33.43 2.66 -0.50
CA GLU A 165 -34.26 3.55 -1.37
C GLU A 165 -33.40 4.41 -2.28
N PRO A 166 -33.89 4.76 -3.48
CA PRO A 166 -33.20 5.74 -4.33
C PRO A 166 -32.98 7.11 -3.67
N VAL A 167 -31.83 7.73 -3.98
CA VAL A 167 -31.59 9.13 -3.61
C VAL A 167 -32.53 10.05 -4.39
N ASP A 168 -33.07 11.07 -3.73
CA ASP A 168 -33.94 12.07 -4.29
C ASP A 168 -33.22 13.38 -4.27
N ILE A 169 -32.86 13.81 -5.45
CA ILE A 169 -32.17 15.11 -5.72
C ILE A 169 -33.18 16.22 -5.52
N ASN A 170 -32.91 17.14 -4.62
CA ASN A 170 -33.83 18.25 -4.33
C ASN A 170 -33.45 19.43 -5.19
N THR A 171 -34.06 19.47 -6.38
CA THR A 171 -33.70 20.41 -7.42
C THR A 171 -34.00 21.86 -6.99
N GLU A 172 -34.93 22.04 -6.05
CA GLU A 172 -35.32 23.41 -5.62
C GLU A 172 -34.24 24.06 -4.77
N SER A 173 -33.38 23.24 -4.16
CA SER A 173 -32.30 23.76 -3.34
C SER A 173 -30.91 23.41 -3.88
N SER A 174 -30.82 23.07 -5.16
CA SER A 174 -29.58 22.81 -5.83
C SER A 174 -29.31 23.81 -6.91
N THR A 175 -28.04 24.06 -7.14
CA THR A 175 -27.66 24.93 -8.20
C THR A 175 -27.85 24.30 -9.60
N CYS A 176 -27.45 23.05 -9.80
CA CYS A 176 -27.44 22.42 -11.15
C CYS A 176 -28.66 21.44 -11.15
N SER A 177 -29.87 21.85 -11.61
CA SER A 177 -30.98 20.85 -11.74
C SER A 177 -30.42 20.22 -12.98
N ASP A 178 -30.12 18.94 -12.90
CA ASP A 178 -29.04 18.31 -13.67
C ASP A 178 -28.20 17.25 -12.89
N ALA A 179 -28.11 17.41 -11.55
CA ALA A 179 -27.32 16.53 -10.67
C ALA A 179 -27.88 15.15 -10.82
N GLU A 180 -27.04 14.13 -10.73
CA GLU A 180 -27.53 12.77 -10.89
C GLU A 180 -26.61 11.78 -10.18
N VAL A 181 -27.17 10.68 -9.71
CA VAL A 181 -26.35 9.62 -9.18
C VAL A 181 -25.56 9.02 -10.33
N VAL A 182 -24.32 8.67 -10.02
CA VAL A 182 -23.40 8.06 -10.97
C VAL A 182 -22.63 6.94 -10.29
N ASN A 183 -22.14 6.01 -11.12
CA ASN A 183 -21.30 5.01 -10.60
C ASN A 183 -19.88 5.63 -10.56
N MET A 184 -19.21 5.48 -9.45
CA MET A 184 -17.91 6.03 -9.26
C MET A 184 -17.26 5.08 -8.27
N ASP A 185 -16.48 4.13 -8.76
CA ASP A 185 -15.99 3.20 -7.76
C ASP A 185 -14.61 3.48 -7.11
N GLN A 186 -14.00 4.62 -7.43
CA GLN A 186 -12.81 5.15 -6.73
C GLN A 186 -13.14 5.59 -5.27
N GLU A 187 -14.42 5.78 -4.94
CA GLU A 187 -14.80 6.11 -3.57
C GLU A 187 -15.93 5.18 -3.18
N MET A 188 -15.96 4.83 -1.94
CA MET A 188 -16.97 3.93 -1.45
C MET A 188 -18.27 4.66 -1.05
N GLY A 189 -19.40 4.15 -1.57
CA GLY A 189 -20.74 4.64 -1.14
C GLY A 189 -21.51 5.07 -2.36
N THR A 190 -22.36 6.07 -2.17
CA THR A 190 -23.24 6.55 -3.20
C THR A 190 -22.74 7.91 -3.74
N SER A 191 -22.67 8.03 -5.06
CA SER A 191 -22.00 9.13 -5.72
C SER A 191 -22.99 9.93 -6.57
N ILE A 192 -22.89 11.24 -6.42
CA ILE A 192 -23.75 12.22 -7.16
C ILE A 192 -22.86 13.15 -7.90
N LYS A 193 -23.12 13.32 -9.17
CA LYS A 193 -22.34 14.18 -9.98
C LYS A 193 -23.07 15.41 -10.30
N ILE A 194 -22.34 16.50 -10.29
CA ILE A 194 -22.82 17.77 -10.79
CA ILE A 194 -22.88 17.73 -10.81
C ILE A 194 -22.08 18.13 -12.06
N SER A 195 -22.80 18.62 -13.05
CA SER A 195 -22.21 18.91 -14.36
C SER A 195 -21.14 19.97 -14.38
N LYS A 196 -21.37 21.07 -13.65
CA LYS A 196 -20.44 22.18 -13.59
C LYS A 196 -20.48 22.93 -12.27
N ILE A 197 -19.33 23.44 -11.91
CA ILE A 197 -19.16 24.51 -10.90
C ILE A 197 -18.45 25.65 -11.59
N ALA A 198 -19.22 26.73 -11.87
CA ALA A 198 -18.70 27.87 -12.58
C ALA A 198 -17.55 28.57 -11.82
N ALA A 199 -16.64 29.19 -12.57
CA ALA A 199 -15.56 29.96 -11.98
C ALA A 199 -16.09 30.92 -10.95
N ASN A 200 -15.45 30.95 -9.80
CA ASN A 200 -15.75 31.89 -8.72
C ASN A 200 -17.16 31.82 -8.12
N ASP A 201 -17.88 30.74 -8.40
CA ASP A 201 -19.26 30.68 -8.01
C ASP A 201 -19.42 29.96 -6.68
N ALA A 202 -20.51 30.28 -5.99
CA ALA A 202 -20.99 29.58 -4.86
C ALA A 202 -22.35 28.92 -5.19
N GLY A 203 -22.48 27.68 -4.81
CA GLY A 203 -23.66 26.91 -5.14
C GLY A 203 -23.91 25.86 -4.12
N ALA A 204 -24.85 24.97 -4.43
CA ALA A 204 -25.28 23.98 -3.47
C ALA A 204 -25.80 22.76 -4.16
N LEU A 205 -25.63 21.66 -3.47
CA LEU A 205 -26.31 20.40 -3.88
C LEU A 205 -27.15 19.92 -2.71
N ALA A 206 -28.40 19.53 -3.02
CA ALA A 206 -29.30 19.12 -2.02
C ALA A 206 -30.00 17.84 -2.39
N PHE A 207 -30.11 16.93 -1.45
CA PHE A 207 -30.73 15.62 -1.68
C PHE A 207 -31.16 15.01 -0.41
N THR A 208 -31.99 13.97 -0.53
CA THR A 208 -32.39 13.17 0.54
C THR A 208 -31.88 11.74 0.35
N ILE A 209 -31.31 11.21 1.38
CA ILE A 209 -30.66 9.91 1.35
C ILE A 209 -30.93 9.21 2.65
N GLU A 210 -31.15 7.88 2.57
CA GLU A 210 -31.31 7.04 3.78
C GLU A 210 -29.99 6.76 4.48
N ALA A 211 -29.96 6.88 5.82
CA ALA A 211 -28.87 6.48 6.63
C ALA A 211 -29.40 6.17 8.00
N PRO A 212 -28.66 5.34 8.78
CA PRO A 212 -29.16 4.97 10.09
C PRO A 212 -29.02 6.02 11.17
N TYR A 213 -28.02 6.89 11.07
CA TYR A 213 -27.85 8.04 11.99
C TYR A 213 -26.98 9.04 11.25
N GLU A 214 -27.08 10.31 11.66
CA GLU A 214 -26.43 11.43 11.03
C GLU A 214 -24.93 11.19 10.79
N ASP A 215 -24.23 10.67 11.77
CA ASP A 215 -22.76 10.52 11.69
C ASP A 215 -22.33 9.50 10.60
N ALA A 216 -23.25 8.68 10.13
CA ALA A 216 -23.02 7.70 9.10
C ALA A 216 -22.89 8.32 7.73
N LEU A 217 -23.34 9.56 7.62
CA LEU A 217 -23.27 10.25 6.37
C LEU A 217 -21.85 10.77 6.13
N TYR A 218 -20.95 10.67 7.12
CA TYR A 218 -19.62 11.26 7.02
C TYR A 218 -18.52 10.18 7.12
N PRO A 219 -17.32 10.38 6.51
CA PRO A 219 -16.87 11.51 5.67
C PRO A 219 -17.56 11.60 4.29
N MET A 220 -17.92 12.80 3.87
CA MET A 220 -18.34 13.02 2.51
C MET A 220 -17.11 13.45 1.70
N THR A 221 -16.94 12.83 0.53
CA THR A 221 -15.77 13.06 -0.27
C THR A 221 -16.16 13.77 -1.54
N VAL A 222 -15.31 14.63 -2.00
CA VAL A 222 -15.48 15.28 -3.30
C VAL A 222 -14.34 14.92 -4.27
N SER A 223 -14.71 14.74 -5.53
CA SER A 223 -13.76 14.37 -6.58
CA SER A 223 -13.74 14.38 -6.58
C SER A 223 -13.91 15.31 -7.76
N PHE A 224 -12.79 15.92 -8.16
CA PHE A 224 -12.71 16.79 -9.29
C PHE A 224 -11.32 16.82 -9.90
N GLN A 225 -11.26 17.22 -11.14
CA GLN A 225 -10.02 17.20 -11.92
C GLN A 225 -10.21 18.17 -13.04
N GLU A 226 -9.24 19.03 -13.27
CA GLU A 226 -9.22 19.81 -14.52
C GLU A 226 -7.83 19.90 -15.14
N SER A 227 -7.74 20.03 -16.47
CA SER A 227 -6.45 20.20 -17.14
C SER A 227 -6.56 21.13 -18.35
N THR A 228 -5.45 21.76 -18.69
CA THR A 228 -5.38 22.70 -19.83
C THR A 228 -4.08 22.41 -20.62
N ARG A 229 -4.17 22.30 -21.95
CA ARG A 229 -3.00 22.24 -22.80
C ARG A 229 -2.78 23.60 -23.43
N ASP A 230 -1.66 24.25 -23.11
CA ASP A 230 -1.33 25.60 -23.58
C ASP A 230 0.11 25.86 -23.14
N LYS A 231 1.01 26.21 -24.08
CA LYS A 231 2.38 26.60 -23.74
C LYS A 231 2.53 27.55 -22.60
N LEU A 232 1.58 28.46 -22.46
CA LEU A 232 1.63 29.55 -21.51
C LEU A 232 0.78 29.26 -20.24
N ALA A 233 0.22 28.04 -20.15
CA ALA A 233 -0.58 27.63 -19.00
C ALA A 233 0.22 27.75 -17.74
N LYS A 234 -0.47 28.18 -16.69
CA LYS A 234 0.08 28.22 -15.35
C LYS A 234 -0.73 27.21 -14.52
N SER A 235 -0.08 26.49 -13.62
CA SER A 235 -0.74 25.65 -12.61
C SER A 235 -1.49 26.44 -11.58
N PHE A 236 -2.24 25.73 -10.76
CA PHE A 236 -2.88 26.30 -9.56
C PHE A 236 -1.95 27.19 -8.71
N THR A 237 -0.76 26.72 -8.41
CA THR A 237 0.11 27.52 -7.50
C THR A 237 0.92 28.53 -8.32
N GLY A 238 0.72 28.58 -9.62
CA GLY A 238 1.53 29.49 -10.48
C GLY A 238 2.73 28.91 -11.20
N MET A 239 3.00 27.59 -11.11
CA MET A 239 4.08 27.01 -11.85
C MET A 239 3.83 27.07 -13.36
N ALA A 240 4.88 27.40 -14.11
CA ALA A 240 4.78 27.59 -15.55
C ALA A 240 6.20 27.63 -16.14
N ILE A 241 6.27 27.49 -17.47
CA ILE A 241 7.49 27.41 -18.21
C ILE A 241 7.63 28.71 -19.03
N GLN A 242 8.84 29.22 -19.04
CA GLN A 242 9.17 30.42 -19.85
C GLN A 242 9.70 30.06 -21.21
N SER A 243 10.62 29.11 -21.23
CA SER A 243 11.08 28.62 -22.51
C SER A 243 11.77 27.28 -22.30
N VAL A 244 12.02 26.66 -23.43
CA VAL A 244 12.90 25.52 -23.49
C VAL A 244 14.03 25.84 -24.53
N VAL A 245 15.23 25.37 -24.22
CA VAL A 245 16.42 25.86 -24.78
C VAL A 245 17.40 24.67 -24.92
N MET A 246 18.29 24.76 -25.89
CA MET A 246 19.41 23.84 -26.02
C MET A 246 20.29 23.99 -24.82
N ALA A 247 20.75 22.86 -24.28
CA ALA A 247 21.52 22.86 -23.07
C ALA A 247 22.83 23.60 -23.28
N ASN A 248 23.37 23.53 -24.48
CA ASN A 248 24.67 24.16 -24.74
C ASN A 248 24.59 25.55 -25.37
N ASP A 249 23.38 25.95 -25.77
CA ASP A 249 23.17 27.28 -26.32
C ASP A 249 21.81 27.82 -25.89
N HIS A 250 21.83 28.57 -24.79
CA HIS A 250 20.59 29.09 -24.21
C HIS A 250 19.84 30.14 -25.06
N ASP A 251 20.43 30.61 -26.15
CA ASP A 251 19.76 31.45 -27.15
C ASP A 251 18.94 30.67 -28.15
N GLN A 252 19.21 29.35 -28.26
CA GLN A 252 18.52 28.51 -29.21
C GLN A 252 17.33 27.84 -28.49
N GLU A 253 16.13 28.36 -28.78
CA GLU A 253 14.91 27.88 -28.19
C GLU A 253 14.37 26.72 -28.99
N LEU A 254 13.64 25.84 -28.30
CA LEU A 254 13.14 24.63 -28.92
C LEU A 254 11.59 24.63 -28.87
N PRO A 255 10.95 23.89 -29.76
CA PRO A 255 9.50 23.81 -29.73
C PRO A 255 9.05 22.88 -28.57
N TYR A 256 7.91 23.19 -27.99
CA TYR A 256 7.42 22.37 -26.85
C TYR A 256 5.95 22.71 -26.58
N ASP A 257 5.29 21.88 -25.79
CA ASP A 257 3.94 22.14 -25.31
CA ASP A 257 3.93 22.18 -25.30
C ASP A 257 3.89 21.87 -23.82
N VAL A 258 2.85 22.36 -23.17
CA VAL A 258 2.68 22.27 -21.73
C VAL A 258 1.21 21.90 -21.47
N ILE A 259 1.03 20.92 -20.58
CA ILE A 259 -0.24 20.62 -19.97
C ILE A 259 -0.18 20.94 -18.49
N THR A 260 -1.15 21.72 -17.95
CA THR A 260 -1.33 21.84 -16.50
C THR A 260 -2.56 21.13 -16.00
N SER A 261 -2.48 20.57 -14.79
CA SER A 261 -3.65 19.83 -14.16
C SER A 261 -3.73 20.04 -12.67
N LEU A 262 -4.96 19.90 -12.13
CA LEU A 262 -5.27 19.93 -10.69
C LEU A 262 -6.34 18.91 -10.42
N LYS A 263 -6.07 18.02 -9.48
CA LYS A 263 -6.85 16.86 -9.14
C LYS A 263 -7.01 16.90 -7.62
N SER A 264 -8.23 16.67 -7.14
CA SER A 264 -8.43 16.31 -5.72
C SER A 264 -7.90 14.92 -5.39
N ASP A 265 -7.47 14.71 -4.17
CA ASP A 265 -7.18 13.34 -3.64
C ASP A 265 -8.03 13.16 -2.37
N GLU A 266 -7.50 13.39 -1.18
CA GLU A 266 -8.25 13.24 0.04
C GLU A 266 -8.93 14.58 0.41
N TYR A 267 -10.14 14.77 -0.11
CA TYR A 267 -10.77 16.05 -0.17
C TYR A 267 -12.14 15.78 0.44
N LEU A 268 -12.25 16.09 1.71
CA LEU A 268 -13.43 15.66 2.45
C LEU A 268 -13.98 16.51 3.64
N VAL A 269 -15.22 16.21 3.97
CA VAL A 269 -15.89 16.77 5.15
C VAL A 269 -16.21 15.68 6.12
N GLN A 270 -15.85 15.93 7.34
CA GLN A 270 -15.82 14.93 8.35
C GLN A 270 -16.40 15.45 9.67
N VAL B 9 4.10 -7.33 23.88
CA VAL B 9 2.67 -7.07 24.26
C VAL B 9 2.56 -6.72 25.74
N PRO B 10 2.21 -5.48 26.05
CA PRO B 10 2.08 -5.09 27.45
C PRO B 10 1.02 -5.97 28.11
N GLU B 11 1.18 -6.24 29.40
CA GLU B 11 0.22 -7.05 30.11
C GLU B 11 -0.98 -6.16 30.57
N ASN B 12 -2.16 -6.76 30.48
CA ASN B 12 -3.43 -6.15 30.78
C ASN B 12 -3.96 -6.83 32.02
N ASN B 13 -4.22 -6.05 33.09
CA ASN B 13 -4.72 -6.60 34.32
C ASN B 13 -6.26 -6.61 34.35
N GLY B 14 -6.90 -6.18 33.26
CA GLY B 14 -8.39 -6.06 33.20
C GLY B 14 -8.80 -5.06 32.14
N ILE B 15 -8.52 -3.77 32.44
CA ILE B 15 -8.62 -2.70 31.50
C ILE B 15 -7.24 -2.07 31.22
N LEU B 16 -6.88 -1.98 29.96
CA LEU B 16 -5.65 -1.27 29.56
C LEU B 16 -5.93 -0.32 28.45
N ILE B 17 -5.64 0.95 28.68
CA ILE B 17 -5.88 2.01 27.78
C ILE B 17 -4.56 2.48 27.20
N SER B 18 -4.45 2.46 25.86
CA SER B 18 -3.24 2.94 25.16
C SER B 18 -3.57 4.23 24.39
N ILE B 19 -2.81 5.29 24.66
CA ILE B 19 -2.91 6.55 23.95
C ILE B 19 -1.68 6.68 23.09
N LYS B 20 -1.87 6.50 21.76
CA LYS B 20 -0.74 6.45 20.84
C LYS B 20 -0.72 7.66 19.87
N GLU B 21 0.39 8.45 19.81
CA GLU B 21 0.54 9.52 18.87
C GLU B 21 1.74 9.23 17.96
N VAL B 22 1.54 9.58 16.72
CA VAL B 22 2.57 9.50 15.68
C VAL B 22 2.79 10.84 15.11
N ILE B 23 4.05 11.23 15.01
CA ILE B 23 4.41 12.58 14.54
C ILE B 23 5.21 12.49 13.21
N ASN B 24 4.74 13.24 12.23
CA ASN B 24 5.43 13.55 11.06
C ASN B 24 5.94 15.00 11.21
N ALA B 25 7.14 15.19 10.67
CA ALA B 25 7.70 16.58 10.54
C ALA B 25 8.75 16.66 9.45
N GLU B 26 8.80 17.78 8.72
CA GLU B 26 9.79 17.98 7.63
C GLU B 26 10.49 19.33 7.79
N PHE B 27 11.80 19.31 7.60
CA PHE B 27 12.69 20.47 7.75
C PHE B 27 13.45 20.69 6.50
N SER B 28 13.74 21.95 6.19
CA SER B 28 14.80 22.24 5.24
C SER B 28 16.20 21.90 5.85
N ARG B 29 17.25 21.85 5.03
CA ARG B 29 18.58 21.49 5.56
C ARG B 29 19.03 22.44 6.60
N ASP B 30 18.62 23.72 6.50
CA ASP B 30 19.05 24.74 7.48
C ASP B 30 18.17 24.80 8.68
N GLY B 31 17.22 23.87 8.78
CA GLY B 31 16.39 23.78 10.01
C GLY B 31 15.12 24.50 9.93
N THR B 32 14.80 25.13 8.79
CA THR B 32 13.50 25.84 8.75
C THR B 32 12.37 24.77 8.71
N ILE B 33 11.36 24.88 9.58
CA ILE B 33 10.25 23.93 9.58
C ILE B 33 9.44 24.15 8.30
N HIS B 34 9.25 23.06 7.54
CA HIS B 34 8.32 23.06 6.46
C HIS B 34 6.91 22.74 6.87
N SER B 35 6.72 21.74 7.72
CA SER B 35 5.41 21.18 7.97
C SER B 35 5.50 20.22 9.11
N SER B 36 4.32 19.90 9.68
CA SER B 36 4.22 18.77 10.60
C SER B 36 2.75 18.22 10.64
N GLU B 37 2.60 17.01 11.14
CA GLU B 37 1.27 16.36 11.25
C GLU B 37 1.34 15.31 12.34
N LEU B 38 0.47 15.49 13.31
CA LEU B 38 0.32 14.60 14.44
C LEU B 38 -0.96 13.77 14.29
N LYS B 39 -0.87 12.49 14.48
CA LYS B 39 -2.08 11.58 14.40
C LYS B 39 -2.13 10.79 15.68
N GLY B 40 -3.31 10.64 16.27
CA GLY B 40 -3.41 9.99 17.55
C GLY B 40 -4.57 8.98 17.52
N VAL B 41 -4.50 8.01 18.41
CA VAL B 41 -5.54 6.99 18.59
C VAL B 41 -5.56 6.63 20.07
N LEU B 42 -6.75 6.42 20.60
CA LEU B 42 -7.00 5.89 21.91
C LEU B 42 -7.53 4.49 21.75
N GLU B 43 -6.78 3.48 22.18
CA GLU B 43 -7.09 2.09 22.07
C GLU B 43 -7.48 1.54 23.44
N LEU B 44 -8.49 0.66 23.45
CA LEU B 44 -8.99 0.08 24.69
C LEU B 44 -8.80 -1.43 24.58
N ARG B 45 -8.20 -2.07 25.56
CA ARG B 45 -8.19 -3.51 25.68
C ARG B 45 -8.83 -3.92 26.99
N ILE B 46 -9.70 -4.91 26.88
CA ILE B 46 -10.42 -5.42 28.00
C ILE B 46 -10.34 -6.95 28.00
N ASN B 47 -9.91 -7.51 29.11
CA ASN B 47 -9.76 -8.98 29.13
C ASN B 47 -10.51 -9.66 30.26
N ASP B 48 -11.40 -8.92 30.90
CA ASP B 48 -12.26 -9.41 32.01
C ASP B 48 -13.67 -8.95 31.67
N HIS B 49 -14.52 -9.93 31.45
CA HIS B 49 -15.89 -9.76 31.09
CA HIS B 49 -15.91 -9.73 31.09
C HIS B 49 -16.68 -8.88 32.11
N ASP B 50 -16.27 -8.93 33.37
CA ASP B 50 -16.84 -8.04 34.40
C ASP B 50 -16.52 -6.58 34.18
N LEU B 51 -15.54 -6.25 33.32
CA LEU B 51 -15.14 -4.86 33.11
C LEU B 51 -15.55 -4.31 31.76
N SER B 52 -16.37 -5.07 31.02
CA SER B 52 -16.69 -4.79 29.67
C SER B 52 -17.83 -3.79 29.51
N HIS B 53 -18.60 -3.56 30.56
CA HIS B 53 -19.70 -2.61 30.55
C HIS B 53 -19.18 -1.37 31.26
N SER B 54 -18.13 -0.80 30.67
CA SER B 54 -17.40 0.32 31.23
C SER B 54 -17.46 1.54 30.31
N ASN B 55 -17.23 2.71 30.89
CA ASN B 55 -17.08 3.94 30.15
C ASN B 55 -15.78 4.65 30.61
N LEU B 56 -15.12 5.37 29.71
CA LEU B 56 -13.86 6.04 30.01
C LEU B 56 -14.11 7.51 30.14
N LYS B 57 -13.62 8.15 31.19
CA LYS B 57 -13.80 9.59 31.30
C LYS B 57 -12.51 10.19 30.92
N LEU B 58 -12.51 11.04 29.89
CA LEU B 58 -11.28 11.68 29.50
C LEU B 58 -10.98 12.81 30.50
N ALA B 59 -9.71 13.16 30.60
CA ALA B 59 -9.30 14.30 31.46
C ALA B 59 -10.04 15.58 31.15
N ASP B 60 -10.36 16.31 32.21
CA ASP B 60 -11.09 17.55 32.07
C ASP B 60 -10.30 18.57 31.28
N SER B 61 -8.98 18.45 31.28
CA SER B 61 -8.16 19.41 30.54
C SER B 61 -8.28 19.32 29.02
N ILE B 62 -8.98 18.32 28.48
CA ILE B 62 -9.01 18.17 27.00
CA ILE B 62 -9.01 18.16 27.01
C ILE B 62 -10.14 18.99 26.42
N ASP B 63 -9.84 19.86 25.47
CA ASP B 63 -10.91 20.55 24.74
C ASP B 63 -11.40 19.64 23.60
N VAL B 64 -12.43 18.87 23.88
CA VAL B 64 -13.02 17.94 22.87
C VAL B 64 -13.77 18.66 21.71
N ARG B 65 -13.92 20.00 21.75
CA ARG B 65 -14.60 20.74 20.70
C ARG B 65 -13.59 21.51 19.86
N ASP B 66 -12.30 21.29 20.08
CA ASP B 66 -11.26 21.90 19.27
C ASP B 66 -11.24 21.24 17.91
N LYS B 67 -11.74 21.98 16.93
CA LYS B 67 -11.90 21.45 15.61
CA LYS B 67 -11.93 21.52 15.57
C LYS B 67 -10.60 21.17 14.92
N SER B 68 -9.50 21.83 15.35
CA SER B 68 -8.20 21.62 14.71
C SER B 68 -7.67 20.22 15.00
N PHE B 69 -8.21 19.55 15.99
CA PHE B 69 -7.91 18.08 16.23
C PHE B 69 -8.70 17.01 15.45
N GLN B 70 -9.76 17.45 14.77
CA GLN B 70 -10.77 16.53 14.15
C GLN B 70 -10.93 15.23 14.91
N PHE B 71 -11.37 15.33 16.19
CA PHE B 71 -11.64 14.22 17.00
C PHE B 71 -12.75 13.42 16.31
N LYS B 72 -12.54 12.12 16.19
CA LYS B 72 -13.46 11.27 15.52
C LYS B 72 -13.61 10.04 16.41
N THR B 73 -14.83 9.78 16.79
CA THR B 73 -15.16 8.56 17.51
C THR B 73 -15.43 7.35 16.59
N HIS B 74 -15.15 6.19 17.11
CA HIS B 74 -15.42 4.94 16.32
C HIS B 74 -16.94 4.87 16.05
N PRO B 75 -17.36 4.32 14.89
CA PRO B 75 -18.82 4.27 14.63
C PRO B 75 -19.69 3.73 15.81
N ASN B 76 -19.19 2.79 16.60
CA ASN B 76 -19.89 2.21 17.68
C ASN B 76 -19.78 3.00 18.97
N ILE B 77 -19.08 4.12 18.95
CA ILE B 77 -18.92 4.98 20.13
C ILE B 77 -19.86 6.16 19.96
N ASP B 78 -20.45 6.55 21.05
CA ASP B 78 -21.37 7.66 21.08
C ASP B 78 -20.69 9.00 20.99
N LYS B 79 -20.87 9.68 19.84
CA LYS B 79 -20.26 10.99 19.63
C LYS B 79 -20.79 12.04 20.63
N GLN B 80 -22.09 12.01 20.88
CA GLN B 80 -22.71 13.06 21.70
C GLN B 80 -22.20 13.09 23.11
N SER B 81 -22.06 11.90 23.70
CA SER B 81 -21.48 11.77 24.98
C SER B 81 -20.04 12.20 25.05
N PHE B 82 -19.28 12.00 23.96
CA PHE B 82 -17.91 12.43 23.92
C PHE B 82 -17.83 13.92 23.95
N LEU B 83 -18.69 14.54 23.13
CA LEU B 83 -18.73 15.99 23.05
C LEU B 83 -19.22 16.63 24.36
N SER B 84 -20.28 16.07 24.91
CA SER B 84 -20.96 16.65 26.05
C SER B 84 -20.22 16.54 27.35
N THR B 85 -19.74 15.36 27.64
CA THR B 85 -19.13 15.04 28.96
C THR B 85 -17.75 14.48 28.91
N LYS B 86 -17.15 14.39 27.71
CA LYS B 86 -15.77 13.82 27.55
C LYS B 86 -15.76 12.38 27.99
N LEU B 87 -16.83 11.68 27.66
CA LEU B 87 -17.04 10.33 28.00
C LEU B 87 -16.90 9.45 26.76
N ILE B 88 -16.24 8.29 26.89
CA ILE B 88 -16.19 7.28 25.83
C ILE B 88 -17.13 6.18 26.29
N SER B 89 -18.16 5.93 25.49
CA SER B 89 -19.29 5.04 25.84
CA SER B 89 -19.28 5.03 25.85
C SER B 89 -19.86 4.52 24.53
N LEU B 90 -20.51 3.37 24.54
CA LEU B 90 -21.11 2.80 23.30
C LEU B 90 -22.35 3.53 22.84
N ARG B 91 -22.52 3.65 21.52
CA ARG B 91 -23.70 4.32 20.93
C ARG B 91 -24.96 3.52 21.22
N ASP B 92 -24.84 2.21 21.19
CA ASP B 92 -25.92 1.30 21.54
C ASP B 92 -25.73 0.93 23.01
N LYS B 93 -26.56 1.49 23.88
CA LYS B 93 -26.37 1.37 25.34
C LYS B 93 -26.64 -0.06 25.87
N SER B 94 -27.31 -0.91 25.07
CA SER B 94 -27.49 -2.36 25.36
C SER B 94 -26.33 -3.28 24.98
N LYS B 95 -25.23 -2.73 24.46
CA LYS B 95 -24.09 -3.59 24.11
C LYS B 95 -22.95 -3.37 25.05
N ALA B 96 -21.87 -4.19 24.94
CA ALA B 96 -20.66 -4.03 25.78
C ALA B 96 -19.43 -4.11 24.90
N PHE B 97 -18.28 -3.69 25.43
CA PHE B 97 -17.04 -3.82 24.69
C PHE B 97 -16.65 -5.26 24.56
N PRO B 98 -16.24 -5.66 23.37
CA PRO B 98 -15.51 -6.92 23.34
C PRO B 98 -14.42 -7.10 24.39
N ALA B 99 -14.40 -8.27 25.04
CA ALA B 99 -13.62 -8.48 26.22
C ALA B 99 -12.72 -9.71 26.13
N ASN B 100 -12.17 -9.94 24.95
CA ASN B 100 -11.12 -10.94 24.75
C ASN B 100 -9.76 -10.33 24.33
N ASP B 101 -9.38 -9.28 25.06
CA ASP B 101 -8.16 -8.59 24.95
C ASP B 101 -7.83 -8.17 23.51
N GLN B 102 -8.83 -7.83 22.72
CA GLN B 102 -8.64 -7.20 21.43
C GLN B 102 -8.39 -5.67 21.58
N SER B 103 -7.47 -5.12 20.76
CA SER B 103 -7.23 -3.65 20.77
C SER B 103 -8.34 -2.95 20.02
N LEU B 104 -9.12 -2.14 20.75
CA LEU B 104 -10.23 -1.46 20.16
C LEU B 104 -9.93 0.03 20.02
N GLY B 105 -9.78 0.51 18.79
CA GLY B 105 -9.64 1.91 18.49
C GLY B 105 -10.97 2.59 18.75
N VAL B 106 -11.01 3.55 19.66
CA VAL B 106 -12.31 4.23 20.02
C VAL B 106 -12.35 5.67 19.67
N LEU B 107 -11.17 6.30 19.51
CA LEU B 107 -11.11 7.73 19.24
C LEU B 107 -9.84 7.98 18.47
N ARG B 108 -9.91 8.85 17.50
CA ARG B 108 -8.74 9.32 16.74
C ARG B 108 -8.71 10.83 16.63
N TRP B 109 -7.55 11.37 16.35
CA TRP B 109 -7.35 12.77 16.15
C TRP B 109 -6.22 13.02 15.27
N ARG B 110 -6.17 14.22 14.72
CA ARG B 110 -5.17 14.58 13.70
C ARG B 110 -5.04 16.07 13.68
N LYS B 111 -3.80 16.53 13.76
CA LYS B 111 -3.57 17.97 13.65
C LYS B 111 -2.38 18.30 12.82
N VAL B 112 -2.44 19.42 12.08
CA VAL B 112 -1.35 19.82 11.19
C VAL B 112 -0.78 21.19 11.61
N ALA B 113 0.44 21.43 11.21
CA ALA B 113 1.03 22.79 11.37
C ALA B 113 1.91 23.13 10.22
N PRO B 114 1.99 24.44 9.88
CA PRO B 114 2.57 24.87 8.66
C PRO B 114 4.03 25.28 8.84
N ALA B 115 4.58 25.95 7.84
CA ALA B 115 5.97 26.35 7.83
C ALA B 115 6.26 27.20 9.11
N GLU B 116 7.37 26.93 9.73
CA GLU B 116 7.91 27.69 10.86
C GLU B 116 7.13 27.58 12.12
N ASP B 117 6.28 26.56 12.25
CA ASP B 117 5.46 26.48 13.44
C ASP B 117 5.92 25.26 14.13
N ASP B 118 6.42 25.39 15.37
CA ASP B 118 7.00 24.24 16.12
C ASP B 118 6.08 23.65 17.17
N SER B 119 4.82 24.02 17.15
CA SER B 119 3.93 23.60 18.23
C SER B 119 3.64 22.09 18.32
N LEU B 120 3.73 21.38 17.21
CA LEU B 120 3.56 19.90 17.21
C LEU B 120 4.87 19.13 17.21
N ILE B 121 6.00 19.82 17.22
CA ILE B 121 7.30 19.13 17.02
C ILE B 121 8.00 18.87 18.36
N PRO B 122 8.26 17.61 18.72
CA PRO B 122 9.04 17.31 19.87
C PRO B 122 10.54 17.52 19.72
N LEU B 123 11.08 17.46 18.49
CA LEU B 123 12.54 17.54 18.27
C LEU B 123 12.90 18.32 17.04
N THR B 124 13.45 19.52 17.21
CA THR B 124 13.86 20.36 16.11
C THR B 124 15.21 19.95 15.61
N LEU B 125 15.47 20.20 14.35
CA LEU B 125 16.66 19.66 13.63
C LEU B 125 17.24 20.73 12.73
N THR B 126 18.56 20.79 12.67
CA THR B 126 19.26 21.57 11.65
C THR B 126 20.47 20.76 11.20
N THR B 127 20.86 20.89 9.96
CA THR B 127 22.03 20.21 9.49
C THR B 127 23.04 21.18 8.85
N ALA B 128 24.29 20.75 8.86
CA ALA B 128 25.41 21.49 8.24
C ALA B 128 26.30 20.40 7.64
N VAL B 129 26.72 20.62 6.41
CA VAL B 129 27.56 19.68 5.73
C VAL B 129 28.65 20.37 4.97
N SER B 130 29.85 19.77 4.95
CA SER B 130 30.92 20.28 4.07
C SER B 130 31.92 19.11 3.81
N PRO B 131 32.71 19.19 2.70
CA PRO B 131 33.67 18.12 2.40
C PRO B 131 34.61 17.93 3.59
N SER B 132 34.93 16.71 3.97
CA SER B 132 35.88 16.52 5.03
C SER B 132 37.30 16.86 4.58
N GLU B 133 38.09 17.41 5.50
CA GLU B 133 39.46 17.81 5.22
C GLU B 133 40.55 17.00 5.90
N SER B 134 40.11 15.97 6.64
CA SER B 134 41.02 15.10 7.34
C SER B 134 40.87 13.64 6.88
N GLN B 135 39.90 13.34 6.00
CA GLN B 135 39.67 11.95 5.53
C GLN B 135 38.70 12.03 4.34
N GLN B 136 38.42 10.89 3.71
CA GLN B 136 37.43 10.83 2.62
C GLN B 136 35.96 11.17 3.03
N GLY B 137 35.19 11.82 2.18
CA GLY B 137 33.75 12.13 2.46
C GLY B 137 33.37 13.44 3.17
N PHE B 138 32.08 13.50 3.61
CA PHE B 138 31.46 14.70 4.07
C PHE B 138 31.38 14.73 5.57
N ASP B 139 31.59 15.91 6.16
CA ASP B 139 31.49 16.10 7.61
C ASP B 139 30.12 16.65 7.78
N VAL B 140 29.32 15.90 8.51
CA VAL B 140 27.97 16.26 8.74
C VAL B 140 27.82 16.67 10.21
N ILE B 141 26.99 17.69 10.44
CA ILE B 141 26.55 18.00 11.80
C ILE B 141 25.05 18.08 11.80
N ILE B 142 24.46 17.30 12.66
CA ILE B 142 23.05 17.36 12.88
C ILE B 142 22.83 17.95 14.24
N GLU B 143 22.20 19.09 14.27
CA GLU B 143 21.83 19.70 15.52
C GLU B 143 20.42 19.48 15.86
N TYR B 144 20.17 19.16 17.12
CA TYR B 144 18.84 18.86 17.57
C TYR B 144 18.52 19.59 18.88
N GLU B 145 17.24 19.86 19.09
CA GLU B 145 16.77 20.42 20.34
C GLU B 145 15.41 19.78 20.66
N SER B 146 15.36 19.16 21.80
CA SER B 146 14.12 18.59 22.33
C SER B 146 13.28 19.61 23.06
N VAL B 147 11.95 19.56 22.88
CA VAL B 147 11.05 20.29 23.78
C VAL B 147 10.25 19.38 24.70
N LEU B 148 10.68 18.15 24.84
CA LEU B 148 9.93 17.23 25.66
C LEU B 148 10.35 17.38 27.09
N GLU B 149 9.44 17.04 28.00
CA GLU B 149 9.69 17.08 29.44
C GLU B 149 10.28 15.79 29.93
N THR B 150 10.42 14.80 29.06
CA THR B 150 11.09 13.54 29.43
C THR B 150 12.23 13.29 28.45
N GLU B 151 13.14 12.38 28.81
CA GLU B 151 14.28 12.03 27.97
C GLU B 151 13.84 11.19 26.76
N LEU B 152 14.52 11.35 25.62
CA LEU B 152 14.32 10.41 24.48
C LEU B 152 15.54 9.53 24.49
N ALA B 153 15.31 8.21 24.49
CA ALA B 153 16.36 7.29 24.43
C ALA B 153 16.44 6.67 23.04
N ASP B 154 17.66 6.31 22.61
CA ASP B 154 17.85 5.49 21.39
C ASP B 154 17.27 6.10 20.13
N VAL B 155 17.67 7.32 19.86
CA VAL B 155 17.19 8.08 18.74
C VAL B 155 18.07 7.76 17.56
N ILE B 156 17.47 7.41 16.42
CA ILE B 156 18.21 6.91 15.24
C ILE B 156 18.14 7.84 14.07
N PHE B 157 19.32 8.25 13.59
CA PHE B 157 19.45 9.10 12.43
C PHE B 157 19.92 8.23 11.25
N THR B 158 19.29 8.39 10.10
CA THR B 158 19.59 7.57 8.91
C THR B 158 19.92 8.42 7.74
N ILE B 159 21.05 8.08 7.10
CA ILE B 159 21.54 8.80 5.98
C ILE B 159 21.46 7.84 4.78
N PRO B 160 20.78 8.24 3.70
CA PRO B 160 20.44 7.29 2.60
C PRO B 160 21.62 6.96 1.62
N VAL B 161 22.75 6.56 2.20
CA VAL B 161 23.90 6.20 1.41
C VAL B 161 24.41 4.90 2.00
N PHE B 162 25.23 4.19 1.21
CA PHE B 162 25.79 2.94 1.63
C PHE B 162 27.30 2.99 1.39
N PRO B 163 28.04 3.66 2.28
CA PRO B 163 29.46 3.89 1.93
C PRO B 163 30.34 2.65 1.99
N GLN B 164 31.36 2.63 1.12
CA GLN B 164 32.41 1.62 1.15
C GLN B 164 33.08 1.68 2.57
N GLU B 165 33.50 2.88 3.00
CA GLU B 165 34.30 3.09 4.25
C GLU B 165 33.43 3.22 5.50
N PRO B 166 33.91 2.74 6.68
CA PRO B 166 33.20 2.98 7.95
C PRO B 166 32.96 4.45 8.27
N VAL B 167 31.78 4.73 8.81
CA VAL B 167 31.43 6.02 9.30
C VAL B 167 32.33 6.36 10.46
N ASP B 168 32.82 7.58 10.48
CA ASP B 168 33.61 8.07 11.60
C ASP B 168 32.80 9.06 12.41
N ILE B 169 32.51 8.67 13.63
CA ILE B 169 31.75 9.49 14.60
C ILE B 169 32.73 10.53 15.16
N ASN B 170 32.38 11.79 15.05
CA ASN B 170 33.31 12.84 15.50
C ASN B 170 32.94 13.12 16.92
N THR B 171 33.61 12.32 17.74
CA THR B 171 33.39 12.16 19.15
C THR B 171 33.69 13.53 19.86
N GLU B 172 34.64 14.26 19.30
CA GLU B 172 34.90 15.61 19.81
C GLU B 172 33.66 16.50 19.79
N SER B 173 32.87 16.50 18.72
CA SER B 173 31.79 17.50 18.59
C SER B 173 30.39 17.01 19.09
N SER B 174 30.14 15.70 19.05
CA SER B 174 28.82 15.25 19.51
C SER B 174 28.75 15.57 21.03
N SER B 177 30.38 11.38 21.40
CA SER B 177 31.00 10.49 22.38
C SER B 177 30.40 9.06 22.29
N ASP B 178 29.08 8.92 22.49
CA ASP B 178 28.40 7.58 22.63
C ASP B 178 27.71 6.93 21.36
N ALA B 179 27.49 7.79 20.39
CA ALA B 179 26.75 7.54 19.16
C ALA B 179 27.40 6.38 18.52
N GLU B 180 26.64 5.58 17.81
CA GLU B 180 27.24 4.42 17.14
C GLU B 180 26.39 4.01 15.95
N VAL B 181 27.03 3.42 14.97
CA VAL B 181 26.26 2.88 13.88
C VAL B 181 25.52 1.63 14.34
N VAL B 182 24.27 1.52 13.87
CA VAL B 182 23.41 0.38 14.20
C VAL B 182 22.71 -0.11 12.92
N ASN B 183 22.26 -1.34 12.97
CA ASN B 183 21.39 -1.90 11.96
C ASN B 183 19.94 -1.50 12.27
N MET B 184 19.27 -0.91 11.29
CA MET B 184 17.94 -0.42 11.45
C MET B 184 17.30 -0.54 10.09
N ASP B 185 16.58 -1.61 9.81
CA ASP B 185 16.14 -1.72 8.42
C ASP B 185 14.78 -1.12 8.04
N GLN B 186 14.14 -0.44 9.00
CA GLN B 186 12.93 0.36 8.77
C GLN B 186 13.21 1.59 7.95
N GLU B 187 14.47 1.98 7.80
CA GLU B 187 14.85 3.08 6.95
C GLU B 187 16.04 2.66 6.13
N MET B 188 16.08 3.15 4.92
CA MET B 188 17.11 2.76 4.00
C MET B 188 18.35 3.63 4.18
N GLY B 189 19.48 2.96 4.32
CA GLY B 189 20.81 3.66 4.33
C GLY B 189 21.59 3.28 5.54
N THR B 190 22.42 4.21 6.00
CA THR B 190 23.29 3.96 7.15
C THR B 190 22.74 4.67 8.41
N SER B 191 22.64 3.94 9.49
CA SER B 191 21.93 4.42 10.63
C SER B 191 22.91 4.61 11.81
N ILE B 192 22.73 5.72 12.51
CA ILE B 192 23.51 6.06 13.73
C ILE B 192 22.61 6.37 14.92
N LYS B 193 22.84 5.74 16.04
CA LYS B 193 22.01 5.85 17.13
C LYS B 193 22.64 6.69 18.17
N ILE B 194 21.87 7.59 18.76
CA ILE B 194 22.32 8.32 19.94
CA ILE B 194 22.33 8.32 19.94
C ILE B 194 21.63 7.80 21.17
N SER B 195 22.37 7.59 22.26
CA SER B 195 21.81 6.93 23.44
C SER B 195 20.67 7.74 24.12
N LYS B 196 20.84 9.04 24.25
CA LYS B 196 19.88 9.89 24.99
C LYS B 196 19.84 11.30 24.53
N ILE B 197 18.64 11.88 24.54
CA ILE B 197 18.43 13.29 24.42
C ILE B 197 17.61 13.67 25.68
N ALA B 198 18.26 14.36 26.61
CA ALA B 198 17.66 14.81 27.84
C ALA B 198 16.44 15.74 27.59
N ALA B 199 15.51 15.76 28.52
CA ALA B 199 14.39 16.70 28.47
C ALA B 199 14.88 18.12 28.23
N ASN B 200 14.26 18.78 27.25
CA ASN B 200 14.52 20.17 26.94
C ASN B 200 15.97 20.51 26.50
N ASP B 201 16.77 19.48 26.17
CA ASP B 201 18.18 19.67 25.87
C ASP B 201 18.44 19.88 24.40
N ALA B 202 19.53 20.58 24.11
CA ALA B 202 19.99 20.76 22.77
C ALA B 202 21.33 20.04 22.66
N GLY B 203 21.58 19.44 21.52
CA GLY B 203 22.83 18.71 21.29
C GLY B 203 23.19 18.70 19.85
N ALA B 204 24.22 17.94 19.52
CA ALA B 204 24.63 17.78 18.16
C ALA B 204 25.23 16.38 17.90
N LEU B 205 25.04 15.88 16.68
CA LEU B 205 25.66 14.66 16.22
C LEU B 205 26.51 14.98 15.07
N ALA B 206 27.74 14.56 15.17
CA ALA B 206 28.72 14.94 14.19
C ALA B 206 29.48 13.73 13.71
N PHE B 207 29.52 13.55 12.41
CA PHE B 207 30.24 12.36 11.82
C PHE B 207 30.70 12.69 10.41
N THR B 208 31.59 11.83 9.89
CA THR B 208 32.01 11.90 8.58
C THR B 208 31.57 10.65 7.83
N ILE B 209 30.98 10.84 6.65
CA ILE B 209 30.46 9.69 5.86
C ILE B 209 30.78 9.93 4.41
N GLU B 210 31.02 8.85 3.67
CA GLU B 210 31.24 8.92 2.22
C GLU B 210 29.95 9.03 1.45
N ALA B 211 29.92 9.85 0.46
CA ALA B 211 28.79 9.98 -0.47
C ALA B 211 29.31 10.53 -1.74
N PRO B 212 28.59 10.31 -2.85
CA PRO B 212 29.10 10.81 -4.15
C PRO B 212 28.97 12.31 -4.41
N TYR B 213 27.98 12.95 -3.79
CA TYR B 213 27.84 14.40 -3.83
C TYR B 213 26.95 14.77 -2.64
N GLU B 214 27.01 16.03 -2.25
CA GLU B 214 26.29 16.53 -1.06
C GLU B 214 24.79 16.17 -1.02
N ASP B 215 24.11 16.34 -2.14
CA ASP B 215 22.63 16.16 -2.16
C ASP B 215 22.22 14.71 -1.93
N ALA B 216 23.17 13.78 -2.03
CA ALA B 216 22.94 12.35 -1.83
C ALA B 216 22.77 12.01 -0.34
N LEU B 217 23.25 12.89 0.50
CA LEU B 217 23.10 12.75 1.93
C LEU B 217 21.67 13.01 2.42
N TYR B 218 20.78 13.53 1.55
CA TYR B 218 19.43 13.85 1.94
C TYR B 218 18.41 12.99 1.18
N PRO B 219 17.24 12.75 1.77
CA PRO B 219 16.68 13.18 3.06
C PRO B 219 17.33 12.39 4.18
N MET B 220 17.64 13.08 5.25
CA MET B 220 18.02 12.42 6.47
C MET B 220 16.80 12.20 7.36
N THR B 221 16.68 10.98 7.88
CA THR B 221 15.53 10.58 8.58
C THR B 221 15.86 10.33 10.02
N VAL B 222 14.97 10.74 10.90
CA VAL B 222 15.13 10.42 12.31
C VAL B 222 14.06 9.45 12.73
N SER B 223 14.41 8.54 13.62
CA SER B 223 13.47 7.57 14.18
CA SER B 223 13.45 7.56 14.18
C SER B 223 13.56 7.56 15.72
N PHE B 224 12.42 7.67 16.42
CA PHE B 224 12.34 7.70 17.89
C PHE B 224 10.96 7.16 18.32
N GLN B 225 10.92 6.62 19.52
CA GLN B 225 9.71 6.09 20.10
C GLN B 225 9.86 6.11 21.60
N GLU B 226 8.89 6.71 22.30
CA GLU B 226 8.93 6.67 23.75
C GLU B 226 7.55 6.27 24.24
N SER B 227 7.48 5.52 25.31
CA SER B 227 6.25 5.21 25.97
C SER B 227 6.40 5.29 27.47
N THR B 228 5.28 5.53 28.16
CA THR B 228 5.23 5.44 29.62
C THR B 228 3.98 4.70 30.07
N ARG B 229 4.08 3.92 31.12
CA ARG B 229 2.87 3.29 31.77
C ARG B 229 2.60 3.94 33.11
N ASP B 230 1.45 4.58 33.28
CA ASP B 230 1.08 5.34 34.50
C ASP B 230 -0.37 5.78 34.27
N LYS B 231 -1.23 5.50 35.24
CA LYS B 231 -2.60 5.94 35.20
C LYS B 231 -2.79 7.39 34.80
N LEU B 232 -1.85 8.25 35.19
CA LEU B 232 -1.92 9.70 35.02
C LEU B 232 -1.09 10.19 33.85
N ALA B 233 -0.54 9.27 33.06
CA ALA B 233 0.27 9.63 31.87
C ALA B 233 -0.57 10.40 30.90
N LYS B 234 0.05 11.43 30.34
CA LYS B 234 -0.57 12.31 29.37
C LYS B 234 0.21 12.12 28.08
N SER B 235 -0.48 12.15 26.96
CA SER B 235 0.16 12.08 25.67
C SER B 235 0.85 13.40 25.34
N PHE B 236 1.65 13.38 24.28
CA PHE B 236 2.30 14.62 23.80
C PHE B 236 1.32 15.75 23.63
N THR B 237 0.15 15.50 23.10
CA THR B 237 -0.80 16.61 22.91
C THR B 237 -1.68 16.87 24.15
N GLY B 238 -1.52 16.09 25.19
CA GLY B 238 -2.29 16.22 26.41
C GLY B 238 -3.41 15.28 26.63
N MET B 239 -3.62 14.34 25.74
CA MET B 239 -4.66 13.35 25.92
C MET B 239 -4.36 12.49 27.14
N ALA B 240 -5.42 12.26 27.95
CA ALA B 240 -5.25 11.51 29.21
C ALA B 240 -6.60 11.08 29.70
N ILE B 241 -6.60 10.14 30.65
CA ILE B 241 -7.77 9.58 31.23
C ILE B 241 -7.93 10.09 32.68
N GLN B 242 -9.16 10.44 33.03
CA GLN B 242 -9.52 10.91 34.41
C GLN B 242 -9.93 9.73 35.27
N SER B 243 -10.78 8.89 34.74
CA SER B 243 -11.19 7.72 35.37
C SER B 243 -11.83 6.76 34.38
N VAL B 244 -12.07 5.56 34.92
CA VAL B 244 -12.92 4.57 34.26
C VAL B 244 -14.03 4.18 35.25
N VAL B 245 -15.23 4.04 34.72
CA VAL B 245 -16.44 4.00 35.48
C VAL B 245 -17.40 2.96 34.87
N MET B 246 -18.23 2.37 35.69
CA MET B 246 -19.31 1.44 35.24
C MET B 246 -20.27 2.23 34.40
N ALA B 247 -20.70 1.65 33.27
CA ALA B 247 -21.56 2.40 32.34
C ALA B 247 -22.90 2.75 32.99
N ASN B 248 -23.34 1.91 33.92
CA ASN B 248 -24.61 2.12 34.58
C ASN B 248 -24.54 2.90 35.85
N ASP B 249 -23.33 3.05 36.38
CA ASP B 249 -23.13 3.80 37.61
C ASP B 249 -21.82 4.57 37.56
N HIS B 250 -21.89 5.81 37.12
CA HIS B 250 -20.69 6.65 36.99
C HIS B 250 -19.98 6.98 38.32
N ASP B 251 -20.59 6.68 39.46
CA ASP B 251 -19.95 6.74 40.79
C ASP B 251 -18.98 5.58 41.03
N GLN B 252 -19.20 4.46 40.33
CA GLN B 252 -18.45 3.21 40.59
C GLN B 252 -17.29 3.16 39.64
N GLU B 253 -16.11 3.43 40.17
CA GLU B 253 -14.91 3.45 39.40
C GLU B 253 -14.35 2.03 39.30
N LEU B 254 -13.64 1.78 38.23
CA LEU B 254 -13.08 0.46 37.95
C LEU B 254 -11.56 0.54 37.90
N PRO B 255 -10.87 -0.57 38.21
CA PRO B 255 -9.42 -0.55 38.06
C PRO B 255 -8.99 -0.48 36.60
N TYR B 256 -7.89 0.21 36.32
CA TYR B 256 -7.37 0.27 34.97
C TYR B 256 -5.89 0.72 34.94
N ASP B 257 -5.26 0.61 33.79
CA ASP B 257 -3.94 1.29 33.60
C ASP B 257 -3.93 1.99 32.26
N VAL B 258 -2.94 2.86 32.05
CA VAL B 258 -2.78 3.66 30.81
C VAL B 258 -1.33 3.64 30.41
N ILE B 259 -1.12 3.42 29.13
CA ILE B 259 0.14 3.59 28.47
C ILE B 259 0.04 4.70 27.45
N THR B 260 0.96 5.67 27.48
CA THR B 260 1.06 6.64 26.38
C THR B 260 2.29 6.39 25.55
N SER B 261 2.21 6.72 24.26
CA SER B 261 3.38 6.63 23.38
CA SER B 261 3.32 6.58 23.32
C SER B 261 3.41 7.73 22.35
N LEU B 262 4.59 7.99 21.89
CA LEU B 262 4.89 8.94 20.80
C LEU B 262 5.96 8.24 20.00
N LYS B 263 5.73 8.20 18.70
CA LYS B 263 6.56 7.58 17.72
C LYS B 263 6.67 8.51 16.54
N SER B 264 7.87 8.66 16.01
CA SER B 264 8.09 9.36 14.75
C SER B 264 7.62 8.45 13.63
N ASP B 265 7.23 9.05 12.53
CA ASP B 265 7.05 8.33 11.31
C ASP B 265 7.87 9.03 10.21
N GLU B 266 7.28 9.95 9.40
CA GLU B 266 8.00 10.56 8.32
C GLU B 266 8.58 11.85 8.92
N TYR B 267 9.78 11.70 9.48
CA TYR B 267 10.38 12.74 10.27
C TYR B 267 11.74 13.01 9.64
N LEU B 268 11.80 13.99 8.77
CA LEU B 268 13.01 14.16 8.00
C LEU B 268 13.50 15.55 7.70
N VAL B 269 14.74 15.60 7.26
CA VAL B 269 15.33 16.82 6.70
C VAL B 269 15.75 16.63 5.24
N GLN B 270 15.39 17.59 4.43
CA GLN B 270 15.38 17.48 2.98
C GLN B 270 15.81 18.83 2.32
N VAL C 9 -16.67 4.77 -17.59
CA VAL C 9 -17.71 4.05 -16.84
C VAL C 9 -18.74 3.52 -17.84
N PRO C 10 -18.83 2.20 -17.94
CA PRO C 10 -19.89 1.66 -18.81
C PRO C 10 -21.30 2.05 -18.39
N GLU C 11 -22.21 2.22 -19.33
CA GLU C 11 -23.56 2.60 -18.94
C GLU C 11 -24.31 1.38 -18.42
N ASN C 12 -25.15 1.64 -17.43
CA ASN C 12 -26.09 0.66 -16.88
C ASN C 12 -27.51 1.08 -17.26
N ASN C 13 -28.27 0.15 -17.83
CA ASN C 13 -29.61 0.42 -18.28
C ASN C 13 -30.65 -0.19 -17.36
N GLY C 14 -30.19 -0.62 -16.19
CA GLY C 14 -31.02 -1.17 -15.17
C GLY C 14 -30.13 -2.05 -14.26
N ILE C 15 -29.78 -3.21 -14.81
CA ILE C 15 -28.94 -4.20 -14.12
C ILE C 15 -27.75 -4.45 -15.00
N LEU C 16 -26.59 -4.24 -14.42
CA LEU C 16 -25.37 -4.49 -15.16
C LEU C 16 -24.47 -5.35 -14.33
N ILE C 17 -24.13 -6.51 -14.89
CA ILE C 17 -23.27 -7.49 -14.24
C ILE C 17 -21.88 -7.41 -14.90
N SER C 18 -20.83 -7.29 -14.09
CA SER C 18 -19.45 -7.23 -14.57
CA SER C 18 -19.45 -7.24 -14.58
C SER C 18 -18.64 -8.39 -13.99
N ILE C 19 -18.02 -9.17 -14.86
CA ILE C 19 -17.27 -10.35 -14.46
C ILE C 19 -15.85 -9.98 -14.83
N LYS C 20 -15.05 -9.66 -13.81
CA LYS C 20 -13.73 -9.06 -14.00
C LYS C 20 -12.68 -10.02 -13.54
N GLU C 21 -11.79 -10.45 -14.47
CA GLU C 21 -10.69 -11.31 -14.12
C GLU C 21 -9.38 -10.57 -14.37
N VAL C 22 -8.45 -10.83 -13.48
CA VAL C 22 -7.11 -10.29 -13.54
C VAL C 22 -6.18 -11.48 -13.53
N ILE C 23 -5.22 -11.43 -14.40
CA ILE C 23 -4.23 -12.55 -14.53
C ILE C 23 -2.78 -12.10 -14.26
N ASN C 24 -2.11 -12.84 -13.37
CA ASN C 24 -0.70 -12.70 -13.09
C ASN C 24 -0.03 -13.92 -13.69
N ALA C 25 1.14 -13.71 -14.24
CA ALA C 25 1.91 -14.82 -14.80
C ALA C 25 3.37 -14.40 -14.87
N GLU C 26 4.24 -15.37 -14.62
CA GLU C 26 5.69 -15.14 -14.71
C GLU C 26 6.37 -16.26 -15.49
N PHE C 27 7.28 -15.82 -16.34
CA PHE C 27 8.00 -16.68 -17.31
C PHE C 27 9.49 -16.47 -17.09
N SER C 28 10.27 -17.54 -17.19
CA SER C 28 11.70 -17.41 -17.33
CA SER C 28 11.72 -17.36 -17.30
C SER C 28 11.99 -16.79 -18.71
N ARG C 29 13.19 -16.37 -18.94
CA ARG C 29 13.50 -15.72 -20.25
C ARG C 29 13.32 -16.63 -21.47
N ASP C 30 13.54 -17.93 -21.30
CA ASP C 30 13.32 -18.90 -22.37
C ASP C 30 11.87 -19.32 -22.54
N GLY C 31 10.95 -18.69 -21.82
CA GLY C 31 9.56 -19.02 -21.95
C GLY C 31 9.04 -20.08 -21.00
N THR C 32 9.86 -20.61 -20.10
CA THR C 32 9.32 -21.61 -19.15
C THR C 32 8.38 -20.92 -18.14
N ILE C 33 7.19 -21.47 -17.94
CA ILE C 33 6.25 -20.88 -17.01
C ILE C 33 6.70 -21.13 -15.55
N HIS C 34 6.85 -20.07 -14.78
CA HIS C 34 7.12 -20.18 -13.32
C HIS C 34 5.85 -20.32 -12.48
N SER C 35 4.81 -19.53 -12.80
CA SER C 35 3.63 -19.46 -11.99
C SER C 35 2.61 -18.63 -12.72
N SER C 36 1.39 -18.74 -12.22
CA SER C 36 0.29 -17.90 -12.67
C SER C 36 -0.79 -17.87 -11.54
N GLU C 37 -1.60 -16.82 -11.58
CA GLU C 37 -2.63 -16.63 -10.63
C GLU C 37 -3.68 -15.74 -11.28
N LEU C 38 -4.90 -16.25 -11.22
CA LEU C 38 -6.11 -15.57 -11.72
C LEU C 38 -7.07 -15.19 -10.58
N LYS C 39 -7.47 -13.93 -10.54
CA LYS C 39 -8.34 -13.46 -9.50
C LYS C 39 -9.55 -12.89 -10.20
N GLY C 40 -10.72 -13.20 -9.65
CA GLY C 40 -11.91 -12.77 -10.29
C GLY C 40 -12.91 -12.17 -9.33
N VAL C 41 -13.72 -11.25 -9.82
CA VAL C 41 -14.88 -10.74 -9.04
C VAL C 41 -16.10 -10.64 -9.98
N LEU C 42 -17.26 -10.80 -9.41
CA LEU C 42 -18.52 -10.59 -10.05
C LEU C 42 -19.14 -9.39 -9.36
N GLU C 43 -19.33 -8.31 -10.11
CA GLU C 43 -19.91 -7.03 -9.57
C GLU C 43 -21.29 -6.83 -10.18
N LEU C 44 -22.21 -6.44 -9.33
CA LEU C 44 -23.57 -6.16 -9.70
C LEU C 44 -23.78 -4.65 -9.54
N ARG C 45 -24.33 -4.01 -10.54
CA ARG C 45 -24.74 -2.61 -10.46
C ARG C 45 -26.22 -2.56 -10.80
N ILE C 46 -26.97 -1.87 -9.96
CA ILE C 46 -28.40 -1.72 -10.18
C ILE C 46 -28.74 -0.23 -10.08
N ASN C 47 -29.40 0.27 -11.09
CA ASN C 47 -29.78 1.69 -11.01
C ASN C 47 -31.28 1.97 -11.16
N ASP C 48 -32.10 0.92 -11.08
CA ASP C 48 -33.58 1.00 -11.20
C ASP C 48 -34.14 0.26 -10.03
N HIS C 49 -34.75 0.98 -9.15
CA HIS C 49 -35.25 0.48 -7.91
CA HIS C 49 -35.27 0.42 -7.89
C HIS C 49 -36.28 -0.71 -8.11
N ASP C 50 -36.95 -0.75 -9.25
CA ASP C 50 -37.87 -1.85 -9.55
C ASP C 50 -37.10 -3.15 -9.80
N LEU C 51 -35.79 -3.07 -10.01
CA LEU C 51 -34.99 -4.27 -10.29
C LEU C 51 -34.10 -4.74 -9.13
N SER C 52 -34.26 -4.14 -7.95
CA SER C 52 -33.36 -4.28 -6.81
C SER C 52 -33.64 -5.50 -6.02
N HIS C 53 -34.81 -6.10 -6.21
CA HIS C 53 -35.20 -7.30 -5.48
C HIS C 53 -34.98 -8.50 -6.38
N SER C 54 -33.74 -8.73 -6.77
CA SER C 54 -33.37 -9.61 -7.80
C SER C 54 -32.37 -10.67 -7.34
N ASN C 55 -32.32 -11.77 -8.06
CA ASN C 55 -31.33 -12.83 -7.80
C ASN C 55 -30.69 -13.18 -9.15
N LEU C 56 -29.41 -13.57 -9.13
CA LEU C 56 -28.66 -13.88 -10.35
C LEU C 56 -28.56 -15.38 -10.39
N LYS C 57 -28.83 -16.01 -11.53
CA LYS C 57 -28.48 -17.41 -11.73
C LYS C 57 -27.24 -17.55 -12.58
N LEU C 58 -26.22 -18.23 -12.07
CA LEU C 58 -25.00 -18.44 -12.84
C LEU C 58 -25.23 -19.56 -13.81
N ALA C 59 -24.44 -19.58 -14.87
CA ALA C 59 -24.46 -20.68 -15.86
C ALA C 59 -24.22 -22.06 -15.25
N ASP C 60 -24.89 -23.07 -15.79
CA ASP C 60 -24.80 -24.41 -15.30
CA ASP C 60 -24.74 -24.44 -15.21
C ASP C 60 -23.40 -25.01 -15.47
N SER C 61 -22.65 -24.47 -16.44
CA SER C 61 -21.32 -24.94 -16.69
C SER C 61 -20.32 -24.66 -15.61
N ILE C 62 -20.70 -23.83 -14.63
CA ILE C 62 -19.79 -23.51 -13.58
C ILE C 62 -19.84 -24.50 -12.45
N ASP C 63 -18.72 -25.12 -12.09
CA ASP C 63 -18.67 -25.90 -10.89
CA ASP C 63 -18.67 -25.93 -10.87
C ASP C 63 -18.36 -24.99 -9.68
N VAL C 64 -19.41 -24.59 -8.98
CA VAL C 64 -19.31 -23.73 -7.81
C VAL C 64 -18.73 -24.44 -6.57
N ARG C 65 -18.60 -25.77 -6.60
CA ARG C 65 -17.95 -26.54 -5.56
C ARG C 65 -16.45 -26.86 -5.84
N ASP C 66 -15.90 -26.35 -6.93
CA ASP C 66 -14.47 -26.51 -7.23
C ASP C 66 -13.68 -25.73 -6.22
N LYS C 67 -13.05 -26.47 -5.34
CA LYS C 67 -12.25 -25.92 -4.28
C LYS C 67 -11.02 -25.13 -4.77
N SER C 68 -10.50 -25.48 -5.92
CA SER C 68 -9.29 -24.79 -6.45
C SER C 68 -9.61 -23.34 -6.89
N PHE C 69 -10.89 -22.98 -7.02
CA PHE C 69 -11.30 -21.62 -7.22
C PHE C 69 -11.56 -20.74 -5.97
N GLN C 70 -11.59 -21.34 -4.81
CA GLN C 70 -11.95 -20.70 -3.53
C GLN C 70 -13.03 -19.63 -3.73
N PHE C 71 -14.20 -20.05 -4.21
CA PHE C 71 -15.33 -19.13 -4.40
C PHE C 71 -15.71 -18.60 -3.05
N LYS C 72 -15.87 -17.27 -2.97
CA LYS C 72 -16.20 -16.66 -1.74
C LYS C 72 -17.31 -15.66 -2.04
N THR C 73 -18.44 -15.80 -1.34
CA THR C 73 -19.53 -14.88 -1.44
C THR C 73 -19.33 -13.69 -0.51
N HIS C 74 -19.88 -12.58 -0.89
CA HIS C 74 -19.95 -11.41 0.03
C HIS C 74 -20.70 -11.79 1.33
N PRO C 75 -20.30 -11.15 2.46
CA PRO C 75 -21.03 -11.49 3.71
C PRO C 75 -22.54 -11.46 3.62
N ASN C 76 -23.11 -10.50 2.90
CA ASN C 76 -24.56 -10.38 2.80
C ASN C 76 -25.20 -11.28 1.77
N ILE C 77 -24.40 -12.08 1.08
CA ILE C 77 -24.93 -13.00 0.10
C ILE C 77 -25.09 -14.36 0.80
N ASP C 78 -26.12 -15.11 0.40
CA ASP C 78 -26.39 -16.41 0.93
C ASP C 78 -25.48 -17.48 0.31
N LYS C 79 -24.47 -17.90 1.07
CA LYS C 79 -23.52 -18.93 0.60
CA LYS C 79 -23.52 -18.92 0.60
C LYS C 79 -24.22 -20.26 0.24
N GLN C 80 -25.17 -20.67 1.04
CA GLN C 80 -25.82 -21.99 0.83
C GLN C 80 -26.60 -22.10 -0.45
N SER C 81 -27.31 -21.04 -0.80
CA SER C 81 -27.96 -20.94 -2.12
C SER C 81 -26.99 -20.88 -3.27
N PHE C 82 -25.82 -20.25 -3.07
CA PHE C 82 -24.81 -20.23 -4.15
C PHE C 82 -24.35 -21.67 -4.43
N LEU C 83 -24.03 -22.35 -3.35
CA LEU C 83 -23.44 -23.70 -3.41
C LEU C 83 -24.49 -24.70 -3.95
N SER C 84 -25.70 -24.55 -3.48
CA SER C 84 -26.83 -25.49 -3.93
C SER C 84 -27.31 -25.34 -5.34
N THR C 85 -27.62 -24.11 -5.73
CA THR C 85 -28.32 -23.83 -7.01
C THR C 85 -27.62 -22.86 -7.91
N LYS C 86 -26.39 -22.45 -7.53
CA LYS C 86 -25.64 -21.49 -8.34
C LYS C 86 -26.42 -20.13 -8.44
N LEU C 87 -27.10 -19.79 -7.38
CA LEU C 87 -27.90 -18.56 -7.27
C LEU C 87 -27.18 -17.53 -6.42
N ILE C 88 -27.18 -16.29 -6.86
CA ILE C 88 -26.68 -15.14 -6.03
C ILE C 88 -27.90 -14.46 -5.49
N SER C 89 -28.02 -14.43 -4.18
CA SER C 89 -29.23 -13.92 -3.47
C SER C 89 -28.80 -13.41 -2.12
N LEU C 90 -29.55 -12.48 -1.54
CA LEU C 90 -29.26 -11.94 -0.22
C LEU C 90 -29.54 -12.96 0.90
N ARG C 91 -28.69 -12.94 1.91
CA ARG C 91 -28.84 -13.78 3.08
C ARG C 91 -30.12 -13.38 3.84
N ASP C 92 -30.43 -12.09 3.88
CA ASP C 92 -31.71 -11.59 4.46
C ASP C 92 -32.74 -11.41 3.37
N LYS C 93 -33.73 -12.30 3.34
CA LYS C 93 -34.63 -12.38 2.19
C LYS C 93 -35.63 -11.21 2.08
N SER C 94 -35.76 -10.39 3.11
CA SER C 94 -36.57 -9.17 2.90
C SER C 94 -35.85 -7.99 2.22
N LYS C 95 -34.52 -8.05 2.22
CA LYS C 95 -33.78 -6.87 1.85
C LYS C 95 -33.58 -6.90 0.37
N ALA C 96 -33.13 -5.79 -0.19
CA ALA C 96 -32.95 -5.66 -1.59
C ALA C 96 -31.53 -5.13 -1.82
N PHE C 97 -31.01 -5.29 -3.02
CA PHE C 97 -29.70 -4.76 -3.35
C PHE C 97 -29.73 -3.22 -3.39
N PRO C 98 -28.71 -2.59 -2.83
CA PRO C 98 -28.59 -1.16 -3.16
C PRO C 98 -28.72 -0.82 -4.62
N ALA C 99 -29.51 0.22 -4.93
CA ALA C 99 -29.98 0.48 -6.26
C ALA C 99 -29.72 1.90 -6.70
N ASN C 100 -28.61 2.46 -6.21
CA ASN C 100 -28.11 3.70 -6.72
C ASN C 100 -26.80 3.60 -7.53
N ASP C 101 -26.79 2.63 -8.43
CA ASP C 101 -25.69 2.35 -9.31
C ASP C 101 -24.33 2.15 -8.65
N GLN C 102 -24.29 1.60 -7.46
CA GLN C 102 -23.05 1.26 -6.79
C GLN C 102 -22.56 -0.09 -7.26
N SER C 103 -21.25 -0.19 -7.44
CA SER C 103 -20.65 -1.47 -7.82
C SER C 103 -20.60 -2.39 -6.58
N LEU C 104 -21.37 -3.46 -6.61
CA LEU C 104 -21.48 -4.37 -5.53
C LEU C 104 -20.71 -5.65 -5.87
N GLY C 105 -19.58 -5.87 -5.18
CA GLY C 105 -18.85 -7.15 -5.27
C GLY C 105 -19.63 -8.23 -4.55
N VAL C 106 -20.14 -9.23 -5.31
CA VAL C 106 -20.95 -10.29 -4.73
C VAL C 106 -20.34 -11.68 -4.65
N LEU C 107 -19.33 -11.92 -5.47
CA LEU C 107 -18.65 -13.18 -5.52
C LEU C 107 -17.21 -12.93 -5.96
N ARG C 108 -16.27 -13.68 -5.38
CA ARG C 108 -14.84 -13.64 -5.78
C ARG C 108 -14.28 -15.04 -5.88
N TRP C 109 -13.22 -15.16 -6.64
CA TRP C 109 -12.56 -16.44 -6.83
C TRP C 109 -11.07 -16.17 -7.13
N ARG C 110 -10.24 -17.19 -6.89
CA ARG C 110 -8.85 -17.14 -7.14
C ARG C 110 -8.34 -18.55 -7.48
N LYS C 111 -7.49 -18.64 -8.47
CA LYS C 111 -6.90 -19.93 -8.74
C LYS C 111 -5.44 -19.74 -9.13
N VAL C 112 -4.60 -20.66 -8.66
CA VAL C 112 -3.15 -20.62 -8.96
C VAL C 112 -2.70 -21.84 -9.79
N ALA C 113 -1.65 -21.62 -10.55
CA ALA C 113 -1.05 -22.76 -11.27
C ALA C 113 0.47 -22.63 -11.15
N PRO C 114 1.14 -23.77 -11.10
CA PRO C 114 2.58 -23.84 -10.82
C PRO C 114 3.43 -23.82 -12.08
N ALA C 115 4.74 -24.14 -11.90
CA ALA C 115 5.67 -24.12 -12.97
C ALA C 115 5.15 -25.00 -14.08
N GLU C 116 5.35 -24.55 -15.30
CA GLU C 116 5.09 -25.31 -16.51
C GLU C 116 3.65 -25.64 -16.77
N ASP C 117 2.74 -24.93 -16.14
CA ASP C 117 1.34 -25.19 -16.38
C ASP C 117 0.73 -23.93 -17.05
N ASP C 118 0.18 -24.10 -18.25
CA ASP C 118 -0.36 -23.00 -19.07
C ASP C 118 -1.89 -22.84 -19.04
N SER C 119 -2.56 -23.55 -18.15
CA SER C 119 -4.04 -23.53 -18.17
C SER C 119 -4.66 -22.16 -17.89
N LEU C 120 -3.97 -21.31 -17.14
CA LEU C 120 -4.52 -19.99 -16.81
C LEU C 120 -4.00 -18.85 -17.70
N ILE C 121 -3.16 -19.15 -18.69
CA ILE C 121 -2.37 -18.16 -19.38
C ILE C 121 -2.95 -17.85 -20.72
N PRO C 122 -3.30 -16.57 -20.98
CA PRO C 122 -3.84 -16.25 -22.29
C PRO C 122 -2.75 -15.95 -23.34
N LEU C 123 -1.57 -15.60 -22.86
CA LEU C 123 -0.52 -15.16 -23.77
C LEU C 123 0.80 -15.70 -23.24
N THR C 124 1.43 -16.56 -24.04
CA THR C 124 2.74 -17.06 -23.69
C THR C 124 3.83 -16.18 -24.27
N LEU C 125 4.96 -16.14 -23.58
CA LEU C 125 6.06 -15.18 -23.88
C LEU C 125 7.38 -15.87 -23.80
N THR C 126 8.28 -15.53 -24.75
CA THR C 126 9.64 -16.03 -24.76
C THR C 126 10.49 -14.89 -25.27
N THR C 127 11.71 -14.81 -24.78
CA THR C 127 12.57 -13.75 -25.27
C THR C 127 13.86 -14.38 -25.85
N ALA C 128 14.46 -13.66 -26.79
CA ALA C 128 15.78 -13.94 -27.30
C ALA C 128 16.55 -12.65 -27.35
N VAL C 129 17.74 -12.66 -26.80
CA VAL C 129 18.52 -11.47 -26.66
C VAL C 129 19.90 -11.79 -27.15
N SER C 130 20.56 -10.82 -27.79
CA SER C 130 21.98 -10.97 -28.17
C SER C 130 22.58 -9.60 -28.26
N PRO C 131 23.90 -9.51 -28.04
CA PRO C 131 24.53 -8.21 -28.04
C PRO C 131 24.32 -7.54 -29.33
N SER C 132 24.03 -6.25 -29.34
CA SER C 132 23.83 -5.55 -30.57
C SER C 132 25.13 -5.31 -31.33
N GLU C 133 24.99 -5.25 -32.64
CA GLU C 133 26.03 -4.88 -33.56
C GLU C 133 25.96 -3.39 -33.84
N SER C 134 25.04 -2.65 -33.20
CA SER C 134 25.00 -1.20 -33.48
C SER C 134 25.02 -0.29 -32.26
N GLN C 135 24.04 -0.48 -31.37
CA GLN C 135 23.93 0.30 -30.13
C GLN C 135 24.79 -0.40 -29.09
N GLN C 136 25.05 0.27 -27.97
CA GLN C 136 25.70 -0.29 -26.77
C GLN C 136 24.65 -1.02 -25.94
N GLY C 137 24.28 -2.21 -26.37
CA GLY C 137 23.10 -2.84 -25.80
C GLY C 137 22.75 -4.09 -26.51
N PHE C 138 21.46 -4.25 -26.78
CA PHE C 138 20.98 -5.58 -27.11
C PHE C 138 19.89 -5.58 -28.16
N ASP C 139 19.92 -6.63 -28.96
CA ASP C 139 18.90 -6.90 -29.95
C ASP C 139 17.97 -7.87 -29.32
N VAL C 140 16.78 -7.41 -29.08
CA VAL C 140 15.77 -8.23 -28.35
C VAL C 140 14.75 -8.70 -29.31
N ILE C 141 14.31 -9.92 -29.11
CA ILE C 141 13.12 -10.41 -29.73
C ILE C 141 12.18 -10.94 -28.61
N ILE C 142 10.97 -10.37 -28.53
CA ILE C 142 9.92 -10.95 -27.70
C ILE C 142 8.99 -11.73 -28.61
N GLU C 143 8.88 -13.03 -28.33
CA GLU C 143 7.92 -13.83 -29.03
C GLU C 143 6.70 -14.09 -28.17
N TYR C 144 5.55 -13.96 -28.78
CA TYR C 144 4.32 -14.17 -28.06
C TYR C 144 3.36 -15.07 -28.85
N GLU C 145 2.51 -15.75 -28.09
CA GLU C 145 1.48 -16.56 -28.68
C GLU C 145 0.24 -16.41 -27.81
N SER C 146 -0.86 -16.02 -28.47
CA SER C 146 -2.16 -15.97 -27.86
C SER C 146 -2.87 -17.32 -27.95
N VAL C 147 -3.46 -17.76 -26.85
CA VAL C 147 -4.49 -18.80 -26.92
C VAL C 147 -5.94 -18.28 -26.78
N LEU C 148 -6.15 -16.99 -26.91
CA LEU C 148 -7.49 -16.48 -26.84
C LEU C 148 -8.22 -16.65 -28.16
N GLU C 149 -9.56 -16.75 -28.07
CA GLU C 149 -10.44 -16.84 -29.24
C GLU C 149 -10.86 -15.45 -29.73
N THR C 150 -10.45 -14.38 -29.04
CA THR C 150 -10.67 -13.02 -29.52
C THR C 150 -9.33 -12.29 -29.60
N GLU C 151 -9.29 -11.18 -30.31
CA GLU C 151 -8.08 -10.39 -30.46
C GLU C 151 -7.73 -9.64 -29.15
N LEU C 152 -6.42 -9.42 -28.92
CA LEU C 152 -5.94 -8.44 -27.94
C LEU C 152 -5.50 -7.21 -28.67
N ALA C 153 -6.04 -6.07 -28.29
CA ALA C 153 -5.71 -4.81 -28.93
C ALA C 153 -4.83 -4.01 -27.98
N ASP C 154 -3.96 -3.18 -28.53
CA ASP C 154 -3.13 -2.23 -27.73
C ASP C 154 -2.37 -2.92 -26.59
N VAL C 155 -1.57 -3.88 -26.95
CA VAL C 155 -0.74 -4.62 -25.98
C VAL C 155 0.57 -3.85 -25.80
N ILE C 156 0.97 -3.65 -24.55
CA ILE C 156 2.16 -2.85 -24.23
C ILE C 156 3.24 -3.70 -23.55
N PHE C 157 4.41 -3.69 -24.14
CA PHE C 157 5.59 -4.30 -23.56
C PHE C 157 6.52 -3.19 -22.94
N THR C 158 6.92 -3.35 -21.69
CA THR C 158 7.82 -2.43 -21.03
C THR C 158 9.15 -3.08 -20.67
N ILE C 159 10.24 -2.35 -20.95
CA ILE C 159 11.60 -2.74 -20.60
C ILE C 159 12.11 -1.73 -19.55
N PRO C 160 12.63 -2.19 -18.38
CA PRO C 160 12.99 -1.30 -17.21
C PRO C 160 14.29 -0.51 -17.31
N VAL C 161 14.51 0.14 -18.44
CA VAL C 161 15.73 0.85 -18.69
C VAL C 161 15.25 2.19 -19.21
N PHE C 162 16.11 3.17 -19.13
CA PHE C 162 15.86 4.46 -19.75
C PHE C 162 17.04 4.88 -20.62
N PRO C 163 17.06 4.49 -21.91
CA PRO C 163 18.36 4.62 -22.65
C PRO C 163 18.57 6.05 -23.17
N GLN C 164 19.83 6.43 -23.26
CA GLN C 164 20.30 7.72 -23.86
C GLN C 164 20.06 7.79 -25.34
N GLU C 165 20.08 6.63 -26.02
CA GLU C 165 19.76 6.54 -27.45
C GLU C 165 18.34 6.04 -27.62
N PRO C 166 17.64 6.49 -28.64
CA PRO C 166 16.32 5.96 -28.92
C PRO C 166 16.27 4.44 -29.15
N VAL C 167 15.17 3.81 -28.75
CA VAL C 167 14.94 2.43 -29.20
C VAL C 167 14.67 2.35 -30.67
N ASP C 168 15.29 1.36 -31.28
CA ASP C 168 15.13 1.09 -32.70
C ASP C 168 14.25 -0.15 -32.83
N ILE C 169 13.02 0.05 -33.35
CA ILE C 169 12.08 -1.02 -33.70
C ILE C 169 12.64 -1.73 -34.95
N ASN C 170 12.84 -3.04 -34.87
CA ASN C 170 13.31 -3.77 -36.03
C ASN C 170 12.12 -4.38 -36.76
N THR C 171 11.54 -3.61 -37.67
CA THR C 171 10.26 -3.95 -38.31
C THR C 171 10.44 -5.20 -39.14
N GLU C 172 11.66 -5.45 -39.55
CA GLU C 172 11.98 -6.62 -40.40
C GLU C 172 11.89 -7.93 -39.67
N SER C 173 11.93 -7.89 -38.34
CA SER C 173 11.79 -9.11 -37.52
C SER C 173 10.68 -9.05 -36.53
N SER C 174 9.69 -8.21 -36.81
CA SER C 174 8.50 -8.07 -36.06
C SER C 174 7.27 -8.35 -36.90
N THR C 175 6.23 -8.86 -36.26
CA THR C 175 4.93 -8.93 -36.86
C THR C 175 4.54 -7.48 -37.32
N CYS C 176 3.99 -7.32 -38.51
CA CYS C 176 3.51 -5.98 -38.88
C CYS C 176 2.36 -5.68 -37.90
N SER C 177 2.66 -4.83 -36.92
CA SER C 177 1.78 -4.64 -35.77
CA SER C 177 1.79 -4.65 -35.77
C SER C 177 1.71 -3.19 -35.32
N ASP C 178 2.09 -2.27 -36.23
CA ASP C 178 2.13 -0.84 -35.94
C ASP C 178 2.99 -0.57 -34.65
N ALA C 179 4.08 -1.30 -34.44
CA ALA C 179 4.74 -1.17 -33.16
C ALA C 179 5.20 0.24 -33.02
N GLU C 180 5.09 0.82 -31.83
CA GLU C 180 5.65 2.15 -31.58
C GLU C 180 5.89 2.34 -30.12
N VAL C 181 6.88 3.20 -29.80
CA VAL C 181 7.09 3.54 -28.43
C VAL C 181 5.93 4.43 -27.99
N VAL C 182 5.47 4.18 -26.78
CA VAL C 182 4.39 4.95 -26.21
C VAL C 182 4.78 5.33 -24.81
N ASN C 183 4.10 6.36 -24.35
CA ASN C 183 4.18 6.77 -22.96
C ASN C 183 3.19 5.89 -22.20
N MET C 184 3.64 5.28 -21.12
CA MET C 184 2.85 4.38 -20.35
C MET C 184 3.39 4.49 -18.93
N ASP C 185 2.77 5.33 -18.08
CA ASP C 185 3.46 5.50 -16.80
C ASP C 185 3.04 4.59 -15.66
N GLN C 186 2.15 3.64 -15.95
CA GLN C 186 1.80 2.51 -15.06
C GLN C 186 2.97 1.51 -14.86
N GLU C 187 3.98 1.54 -15.75
CA GLU C 187 5.17 0.65 -15.58
C GLU C 187 6.40 1.50 -15.77
N MET C 188 7.47 1.15 -15.07
CA MET C 188 8.66 1.89 -15.13
C MET C 188 9.54 1.42 -16.32
N GLY C 189 9.99 2.37 -17.12
CA GLY C 189 10.98 2.11 -18.17
C GLY C 189 10.44 2.55 -19.50
N THR C 190 10.83 1.83 -20.55
CA THR C 190 10.54 2.21 -21.90
C THR C 190 9.48 1.29 -22.45
N SER C 191 8.42 1.81 -23.01
CA SER C 191 7.29 1.09 -23.43
C SER C 191 7.05 1.10 -24.96
N ILE C 192 6.78 -0.08 -25.45
CA ILE C 192 6.39 -0.29 -26.83
C ILE C 192 5.01 -0.89 -26.91
N LYS C 193 4.17 -0.32 -27.76
CA LYS C 193 2.80 -0.83 -27.97
C LYS C 193 2.62 -1.49 -29.30
N ILE C 194 1.95 -2.61 -29.33
CA ILE C 194 1.56 -3.26 -30.57
CA ILE C 194 1.56 -3.19 -30.59
C ILE C 194 0.03 -3.10 -30.74
N SER C 195 -0.40 -2.86 -31.97
CA SER C 195 -1.82 -2.61 -32.23
C SER C 195 -2.79 -3.78 -31.93
N LYS C 196 -2.41 -5.01 -32.32
CA LYS C 196 -3.22 -6.18 -32.20
C LYS C 196 -2.38 -7.42 -32.04
N ILE C 197 -2.89 -8.35 -31.23
CA ILE C 197 -2.53 -9.78 -31.30
C ILE C 197 -3.81 -10.53 -31.65
N ALA C 198 -3.87 -11.06 -32.87
CA ALA C 198 -5.01 -11.80 -33.34
C ALA C 198 -5.28 -13.07 -32.52
N ALA C 199 -6.55 -13.45 -32.45
CA ALA C 199 -6.91 -14.72 -31.83
C ALA C 199 -6.02 -15.83 -32.30
N ASN C 200 -5.49 -16.57 -31.34
CA ASN C 200 -4.72 -17.77 -31.59
C ASN C 200 -3.42 -17.58 -32.41
N ASP C 201 -2.99 -16.33 -32.54
CA ASP C 201 -1.87 -16.00 -33.39
C ASP C 201 -0.59 -15.93 -32.61
N ALA C 202 0.49 -16.20 -33.32
CA ALA C 202 1.83 -16.10 -32.78
C ALA C 202 2.55 -15.01 -33.55
N GLY C 203 3.28 -14.18 -32.83
CA GLY C 203 3.94 -13.04 -33.41
C GLY C 203 5.21 -12.75 -32.66
N ALA C 204 5.86 -11.69 -33.07
CA ALA C 204 7.08 -11.31 -32.47
C ALA C 204 7.26 -9.80 -32.51
N LEU C 205 7.90 -9.27 -31.46
CA LEU C 205 8.35 -7.88 -31.44
C LEU C 205 9.86 -7.82 -31.24
N ALA C 206 10.51 -7.06 -32.11
CA ALA C 206 11.94 -7.02 -32.18
C ALA C 206 12.41 -5.60 -32.18
N PHE C 207 13.46 -5.37 -31.39
CA PHE C 207 14.00 -4.03 -31.27
C PHE C 207 15.37 -4.07 -30.63
N THR C 208 16.10 -2.98 -30.79
CA THR C 208 17.38 -2.82 -30.25
C THR C 208 17.35 -1.71 -29.22
N ILE C 209 17.92 -1.98 -28.06
CA ILE C 209 17.80 -1.01 -26.93
C ILE C 209 19.10 -1.04 -26.10
N GLU C 210 19.53 0.13 -25.60
CA GLU C 210 20.68 0.25 -24.78
C GLU C 210 20.45 -0.17 -23.38
N ALA C 211 21.40 -0.94 -22.83
CA ALA C 211 21.37 -1.40 -21.45
C ALA C 211 22.80 -1.78 -21.11
N PRO C 212 23.14 -1.74 -19.83
CA PRO C 212 24.52 -1.97 -19.44
C PRO C 212 24.94 -3.42 -19.44
N TYR C 213 24.00 -4.33 -19.21
CA TYR C 213 24.22 -5.74 -19.21
C TYR C 213 22.85 -6.39 -19.42
N GLU C 214 22.90 -7.61 -19.91
CA GLU C 214 21.69 -8.29 -20.30
C GLU C 214 20.65 -8.30 -19.20
N ASP C 215 21.07 -8.55 -17.97
CA ASP C 215 20.11 -8.74 -16.87
C ASP C 215 19.31 -7.47 -16.53
N ALA C 216 19.78 -6.32 -16.99
CA ALA C 216 19.15 -5.05 -16.80
C ALA C 216 17.91 -4.85 -17.67
N LEU C 217 17.76 -5.70 -18.67
CA LEU C 217 16.58 -5.71 -19.45
C LEU C 217 15.37 -6.35 -18.80
N TYR C 218 15.51 -6.96 -17.64
CA TYR C 218 14.45 -7.78 -17.04
C TYR C 218 14.15 -7.20 -15.67
N PRO C 219 12.90 -7.31 -15.22
CA PRO C 219 11.76 -7.96 -15.79
C PRO C 219 11.11 -7.15 -16.94
N MET C 220 10.72 -7.82 -18.00
CA MET C 220 9.93 -7.23 -19.01
C MET C 220 8.48 -7.45 -18.66
N THR C 221 7.68 -6.39 -18.72
CA THR C 221 6.29 -6.47 -18.33
C THR C 221 5.39 -6.31 -19.52
N VAL C 222 4.36 -7.11 -19.56
CA VAL C 222 3.36 -6.94 -20.61
C VAL C 222 2.09 -6.41 -19.90
N SER C 223 1.39 -5.54 -20.61
CA SER C 223 0.11 -4.96 -20.16
C SER C 223 -0.92 -5.09 -21.28
N PHE C 224 -2.07 -5.74 -20.94
CA PHE C 224 -3.20 -5.85 -21.85
C PHE C 224 -4.51 -5.91 -21.03
N GLN C 225 -5.61 -5.65 -21.74
CA GLN C 225 -6.90 -5.58 -21.13
C GLN C 225 -7.94 -5.72 -22.25
N GLU C 226 -8.91 -6.64 -22.10
CA GLU C 226 -9.98 -6.72 -23.07
C GLU C 226 -11.29 -6.86 -22.34
N SER C 227 -12.35 -6.37 -22.96
CA SER C 227 -13.67 -6.57 -22.41
C SER C 227 -14.70 -6.79 -23.52
N THR C 228 -15.80 -7.44 -23.16
CA THR C 228 -16.88 -7.78 -24.08
C THR C 228 -18.19 -7.46 -23.38
N ARG C 229 -19.12 -6.76 -24.04
CA ARG C 229 -20.46 -6.52 -23.46
C ARG C 229 -21.45 -7.35 -24.24
N ASP C 230 -22.10 -8.31 -23.58
CA ASP C 230 -22.98 -9.30 -24.25
C ASP C 230 -23.56 -10.12 -23.11
N LYS C 231 -24.89 -10.25 -23.09
CA LYS C 231 -25.61 -11.02 -22.11
C LYS C 231 -25.08 -12.45 -21.95
N LEU C 232 -24.58 -12.99 -23.05
CA LEU C 232 -24.09 -14.37 -23.05
C LEU C 232 -22.57 -14.51 -22.89
N ALA C 233 -21.87 -13.40 -22.67
CA ALA C 233 -20.41 -13.36 -22.58
C ALA C 233 -19.99 -14.26 -21.46
N LYS C 234 -18.88 -14.96 -21.69
CA LYS C 234 -18.27 -15.85 -20.72
C LYS C 234 -16.89 -15.31 -20.42
N SER C 235 -16.49 -15.35 -19.15
CA SER C 235 -15.17 -14.87 -18.75
C SER C 235 -14.11 -15.86 -19.27
N PHE C 236 -12.87 -15.46 -19.14
CA PHE C 236 -11.77 -16.32 -19.40
C PHE C 236 -11.96 -17.70 -18.75
N THR C 237 -12.38 -17.75 -17.51
CA THR C 237 -12.39 -19.04 -16.85
C THR C 237 -13.75 -19.73 -17.04
N GLY C 238 -14.64 -19.11 -17.81
CA GLY C 238 -15.94 -19.68 -18.07
C GLY C 238 -17.07 -19.13 -17.21
N MET C 239 -16.81 -18.14 -16.37
CA MET C 239 -17.90 -17.55 -15.62
C MET C 239 -18.92 -16.88 -16.56
N ALA C 240 -20.20 -17.07 -16.26
CA ALA C 240 -21.30 -16.51 -17.07
C ALA C 240 -22.62 -16.55 -16.35
N ILE C 241 -23.62 -15.81 -16.86
CA ILE C 241 -24.91 -15.65 -16.22
C ILE C 241 -25.97 -16.37 -17.07
N GLN C 242 -26.82 -17.15 -16.41
CA GLN C 242 -27.90 -17.94 -17.10
C GLN C 242 -29.13 -17.07 -17.15
N SER C 243 -29.47 -16.43 -16.01
CA SER C 243 -30.58 -15.45 -16.03
C SER C 243 -30.52 -14.59 -14.82
N VAL C 244 -31.38 -13.57 -14.81
CA VAL C 244 -31.65 -12.76 -13.64
C VAL C 244 -33.18 -12.81 -13.45
N VAL C 245 -33.57 -12.90 -12.20
CA VAL C 245 -34.92 -13.23 -11.81
C VAL C 245 -35.33 -12.43 -10.55
N MET C 246 -36.64 -12.24 -10.36
CA MET C 246 -37.16 -11.65 -9.16
C MET C 246 -36.83 -12.55 -8.01
N ALA C 247 -36.46 -11.97 -6.86
CA ALA C 247 -36.07 -12.77 -5.69
C ALA C 247 -37.24 -13.54 -5.11
N ASN C 248 -38.40 -12.93 -5.18
CA ASN C 248 -39.56 -13.50 -4.58
C ASN C 248 -40.38 -14.39 -5.57
N ASP C 249 -40.00 -14.42 -6.87
CA ASP C 249 -40.63 -15.22 -7.95
C ASP C 249 -39.62 -15.55 -9.09
N HIS C 250 -38.98 -16.71 -8.97
CA HIS C 250 -37.93 -17.12 -9.91
C HIS C 250 -38.39 -17.39 -11.36
N ASP C 251 -39.68 -17.45 -11.58
CA ASP C 251 -40.22 -17.54 -12.95
C ASP C 251 -40.27 -16.19 -13.67
N GLN C 252 -40.18 -15.10 -12.91
CA GLN C 252 -40.22 -13.77 -13.45
C GLN C 252 -38.78 -13.28 -13.71
N GLU C 253 -38.38 -13.27 -14.97
CA GLU C 253 -37.03 -12.89 -15.40
C GLU C 253 -36.98 -11.41 -15.64
N LEU C 254 -35.79 -10.84 -15.42
CA LEU C 254 -35.58 -9.38 -15.48
C LEU C 254 -34.55 -9.04 -16.55
N PRO C 255 -34.61 -7.82 -17.13
CA PRO C 255 -33.69 -7.46 -18.17
C PRO C 255 -32.31 -7.16 -17.56
N TYR C 256 -31.23 -7.44 -18.28
CA TYR C 256 -29.90 -7.16 -17.74
C TYR C 256 -28.88 -7.19 -18.86
N ASP C 257 -27.68 -6.67 -18.59
CA ASP C 257 -26.53 -6.86 -19.48
C ASP C 257 -25.31 -7.34 -18.67
N VAL C 258 -24.30 -7.86 -19.39
CA VAL C 258 -23.15 -8.47 -18.81
C VAL C 258 -21.96 -7.97 -19.57
N ILE C 259 -20.94 -7.60 -18.81
CA ILE C 259 -19.62 -7.28 -19.31
C ILE C 259 -18.65 -8.22 -18.73
N THR C 260 -17.81 -8.83 -19.57
CA THR C 260 -16.67 -9.61 -19.04
C THR C 260 -15.38 -8.93 -19.42
N SER C 261 -14.40 -9.00 -18.55
CA SER C 261 -13.09 -8.43 -18.75
C SER C 261 -11.96 -9.34 -18.27
N LEU C 262 -10.82 -9.22 -18.94
CA LEU C 262 -9.57 -9.85 -18.55
C LEU C 262 -8.54 -8.75 -18.67
N LYS C 263 -7.74 -8.60 -17.59
CA LYS C 263 -6.69 -7.63 -17.47
C LYS C 263 -5.45 -8.29 -16.87
N SER C 264 -4.29 -8.02 -17.45
CA SER C 264 -3.04 -8.39 -16.85
C SER C 264 -2.73 -7.52 -15.63
N ASP C 265 -1.98 -8.08 -14.69
CA ASP C 265 -1.42 -7.32 -13.60
C ASP C 265 0.09 -7.57 -13.60
N GLU C 266 0.59 -8.57 -12.84
CA GLU C 266 2.01 -8.75 -12.76
C GLU C 266 2.32 -9.86 -13.79
N TYR C 267 2.53 -9.42 -15.02
CA TYR C 267 2.59 -10.32 -16.12
C TYR C 267 3.92 -10.08 -16.76
N LEU C 268 4.86 -10.96 -16.43
CA LEU C 268 6.27 -10.63 -16.79
C LEU C 268 7.20 -11.77 -17.14
N VAL C 269 8.29 -11.41 -17.76
CA VAL C 269 9.39 -12.30 -18.03
C VAL C 269 10.53 -11.81 -17.17
N GLN C 270 11.13 -12.73 -16.49
CA GLN C 270 12.17 -12.40 -15.51
C GLN C 270 13.34 -13.36 -15.65
N VAL D 9 16.61 -6.77 17.04
CA VAL D 9 17.71 -6.80 16.04
C VAL D 9 18.79 -7.77 16.48
N PRO D 10 18.99 -8.85 15.73
CA PRO D 10 20.05 -9.79 16.10
C PRO D 10 21.43 -9.10 16.09
N GLU D 11 22.33 -9.51 16.96
CA GLU D 11 23.66 -8.95 16.94
C GLU D 11 24.49 -9.55 15.81
N ASN D 12 25.31 -8.68 15.23
CA ASN D 12 26.25 -9.06 14.18
C ASN D 12 27.63 -8.98 14.74
N ASN D 13 28.41 -10.07 14.63
CA ASN D 13 29.73 -10.07 15.19
C ASN D 13 30.79 -9.85 14.10
N GLY D 14 30.35 -9.49 12.89
CA GLY D 14 31.20 -9.21 11.76
C GLY D 14 30.44 -9.37 10.45
N ILE D 15 30.22 -10.61 10.11
CA ILE D 15 29.32 -10.99 9.05
C ILE D 15 28.13 -11.70 9.68
N LEU D 16 26.93 -11.25 9.27
CA LEU D 16 25.73 -11.98 9.63
C LEU D 16 24.89 -12.17 8.36
N ILE D 17 24.62 -13.43 8.04
CA ILE D 17 23.80 -13.81 6.95
C ILE D 17 22.44 -14.31 7.46
N SER D 18 21.38 -13.78 6.88
CA SER D 18 20.02 -14.11 7.26
CA SER D 18 20.04 -14.15 7.31
C SER D 18 19.35 -14.70 6.06
N ILE D 19 18.85 -15.90 6.21
CA ILE D 19 18.11 -16.56 5.13
C ILE D 19 16.67 -16.50 5.64
N LYS D 20 15.81 -15.67 5.00
CA LYS D 20 14.47 -15.44 5.52
C LYS D 20 13.44 -15.97 4.51
N GLU D 21 12.59 -16.92 4.93
CA GLU D 21 11.52 -17.41 4.11
C GLU D 21 10.18 -17.03 4.75
N VAL D 22 9.25 -16.71 3.86
CA VAL D 22 7.93 -16.37 4.19
C VAL D 22 6.98 -17.22 3.43
N ILE D 23 6.04 -17.83 4.15
CA ILE D 23 5.09 -18.81 3.52
C ILE D 23 3.64 -18.34 3.59
N ASN D 24 2.99 -18.35 2.42
CA ASN D 24 1.62 -18.13 2.23
C ASN D 24 1.00 -19.49 1.86
N ALA D 25 -0.16 -19.73 2.45
CA ALA D 25 -0.90 -20.95 2.15
C ALA D 25 -2.36 -20.70 2.35
N GLU D 26 -3.19 -21.35 1.55
CA GLU D 26 -4.64 -21.29 1.76
C GLU D 26 -5.29 -22.68 1.71
N PHE D 27 -6.23 -22.90 2.61
CA PHE D 27 -6.92 -24.20 2.80
C PHE D 27 -8.40 -23.93 2.66
N SER D 28 -9.14 -24.87 2.08
CA SER D 28 -10.58 -24.86 2.25
C SER D 28 -10.89 -25.20 3.69
N ARG D 29 -12.14 -25.02 4.09
CA ARG D 29 -12.49 -25.34 5.50
C ARG D 29 -12.27 -26.80 5.87
N ASP D 30 -12.40 -27.72 4.91
CA ASP D 30 -12.21 -29.14 5.22
C ASP D 30 -10.73 -29.56 5.17
N GLY D 31 -9.86 -28.58 5.01
CA GLY D 31 -8.44 -28.85 4.91
C GLY D 31 -7.87 -29.10 3.56
N THR D 32 -8.63 -29.01 2.47
CA THR D 32 -8.06 -29.23 1.15
C THR D 32 -7.16 -28.04 0.79
N ILE D 33 -5.95 -28.30 0.32
CA ILE D 33 -5.01 -27.20 0.00
C ILE D 33 -5.44 -26.53 -1.31
N HIS D 34 -5.62 -25.24 -1.24
CA HIS D 34 -5.87 -24.44 -2.44
C HIS D 34 -4.65 -23.92 -3.14
N SER D 35 -3.64 -23.48 -2.37
CA SER D 35 -2.50 -22.83 -3.00
C SER D 35 -1.45 -22.66 -1.92
N SER D 36 -0.27 -22.34 -2.38
CA SER D 36 0.84 -21.92 -1.44
C SER D 36 1.94 -21.14 -2.25
N GLU D 37 2.67 -20.31 -1.53
CA GLU D 37 3.68 -19.48 -2.13
C GLU D 37 4.69 -19.17 -1.06
N LEU D 38 5.91 -19.57 -1.36
CA LEU D 38 7.08 -19.32 -0.50
C LEU D 38 7.98 -18.25 -1.14
N LYS D 39 8.36 -17.23 -0.37
CA LYS D 39 9.24 -16.23 -0.87
C LYS D 39 10.43 -16.21 0.04
N GLY D 40 11.62 -16.03 -0.56
CA GLY D 40 12.78 -16.03 0.27
C GLY D 40 13.72 -14.91 -0.15
N VAL D 41 14.59 -14.55 0.79
CA VAL D 41 15.58 -13.53 0.60
C VAL D 41 16.78 -13.89 1.50
N LEU D 42 17.93 -13.68 0.91
CA LEU D 42 19.23 -13.84 1.59
C LEU D 42 19.73 -12.43 1.81
N GLU D 43 19.84 -12.06 3.08
CA GLU D 43 20.34 -10.72 3.48
C GLU D 43 21.77 -10.87 4.09
N LEU D 44 22.60 -9.91 3.78
CA LEU D 44 23.94 -9.87 4.28
C LEU D 44 24.10 -8.60 5.08
N ARG D 45 24.67 -8.72 6.30
CA ARG D 45 25.02 -7.56 7.11
C ARG D 45 26.50 -7.69 7.47
N ILE D 46 27.22 -6.59 7.26
CA ILE D 46 28.67 -6.61 7.57
C ILE D 46 28.93 -5.37 8.44
N ASN D 47 29.59 -5.57 9.55
CA ASN D 47 29.91 -4.41 10.35
C ASN D 47 31.39 -4.22 10.60
N ASP D 48 32.24 -4.99 9.89
CA ASP D 48 33.72 -4.98 10.07
C ASP D 48 34.30 -4.80 8.69
N HIS D 49 34.90 -3.63 8.46
CA HIS D 49 35.49 -3.31 7.16
C HIS D 49 36.48 -4.33 6.62
N ASP D 50 37.17 -5.02 7.53
CA ASP D 50 38.12 -6.08 7.14
C ASP D 50 37.41 -7.28 6.52
N LEU D 51 36.10 -7.37 6.70
CA LEU D 51 35.32 -8.51 6.15
C LEU D 51 34.46 -8.16 4.94
N SER D 52 34.61 -6.95 4.43
CA SER D 52 33.73 -6.39 3.40
C SER D 52 34.06 -6.86 2.00
N HIS D 53 35.27 -7.38 1.78
CA HIS D 53 35.74 -7.86 0.49
C HIS D 53 35.58 -9.36 0.43
N SER D 54 34.33 -9.80 0.57
CA SER D 54 34.02 -11.18 0.82
C SER D 54 33.04 -11.72 -0.22
N ASN D 55 32.99 -13.03 -0.32
CA ASN D 55 32.03 -13.67 -1.20
C ASN D 55 31.39 -14.78 -0.39
N LEU D 56 30.11 -15.10 -0.70
CA LEU D 56 29.39 -16.15 0.00
C LEU D 56 29.29 -17.37 -0.92
N LYS D 57 29.56 -18.55 -0.41
CA LYS D 57 29.40 -19.75 -1.21
C LYS D 57 28.20 -20.45 -0.69
N LEU D 58 27.22 -20.64 -1.55
CA LEU D 58 26.03 -21.36 -1.17
CA LEU D 58 26.01 -21.38 -1.19
C LEU D 58 26.32 -22.86 -1.12
N ALA D 59 25.54 -23.56 -0.36
CA ALA D 59 25.66 -25.02 -0.21
C ALA D 59 25.57 -25.75 -1.52
N ASP D 60 26.34 -26.83 -1.65
CA ASP D 60 26.39 -27.59 -2.91
C ASP D 60 25.03 -28.23 -3.21
N SER D 61 24.23 -28.50 -2.17
CA SER D 61 22.88 -29.08 -2.34
C SER D 61 21.90 -28.19 -3.08
N ILE D 62 22.21 -26.91 -3.27
CA ILE D 62 21.21 -25.98 -3.87
C ILE D 62 21.33 -26.02 -5.37
N ASP D 63 20.22 -26.27 -6.05
CA ASP D 63 20.29 -26.18 -7.52
C ASP D 63 19.94 -24.78 -7.94
N VAL D 64 20.96 -24.02 -8.24
CA VAL D 64 20.76 -22.61 -8.62
C VAL D 64 20.16 -22.41 -10.02
N ARG D 65 20.01 -23.46 -10.81
CA ARG D 65 19.36 -23.38 -12.14
C ARG D 65 17.90 -23.89 -12.13
N ASP D 66 17.37 -24.19 -10.95
CA ASP D 66 15.99 -24.65 -10.81
C ASP D 66 15.11 -23.43 -11.07
N LYS D 67 14.48 -23.44 -12.26
CA LYS D 67 13.65 -22.31 -12.69
C LYS D 67 12.39 -22.09 -11.86
N SER D 68 11.97 -23.10 -11.17
CA SER D 68 10.78 -22.98 -10.34
C SER D 68 11.04 -22.10 -9.11
N PHE D 69 12.33 -21.87 -8.77
CA PHE D 69 12.63 -20.94 -7.70
C PHE D 69 12.79 -19.45 -8.11
N GLN D 70 12.81 -19.15 -9.40
CA GLN D 70 13.10 -17.87 -9.98
C GLN D 70 14.13 -17.11 -9.16
N PHE D 71 15.33 -17.69 -9.02
CA PHE D 71 16.44 -17.04 -8.30
C PHE D 71 16.68 -15.73 -8.99
N LYS D 72 16.74 -14.66 -8.18
CA LYS D 72 17.07 -13.35 -8.74
C LYS D 72 18.11 -12.72 -7.87
N THR D 73 19.25 -12.39 -8.45
CA THR D 73 20.30 -11.63 -7.76
C THR D 73 20.05 -10.12 -7.80
N HIS D 74 20.54 -9.45 -6.78
CA HIS D 74 20.53 -8.03 -6.76
C HIS D 74 21.26 -7.44 -7.97
N PRO D 75 20.83 -6.28 -8.53
CA PRO D 75 21.55 -5.65 -9.65
C PRO D 75 23.10 -5.54 -9.52
N ASN D 76 23.61 -5.32 -8.32
CA ASN D 76 25.04 -5.28 -8.06
C ASN D 76 25.77 -6.61 -7.86
N ILE D 77 25.05 -7.71 -7.89
CA ILE D 77 25.58 -9.02 -7.60
C ILE D 77 25.70 -9.66 -8.98
N ASP D 78 26.78 -10.40 -9.14
CA ASP D 78 27.16 -11.00 -10.42
C ASP D 78 26.28 -12.27 -10.63
N LYS D 79 25.32 -12.17 -11.51
CA LYS D 79 24.42 -13.30 -11.83
C LYS D 79 25.18 -14.51 -12.39
N GLN D 80 26.15 -14.26 -13.26
CA GLN D 80 26.89 -15.32 -13.95
C GLN D 80 27.73 -16.19 -13.01
N SER D 81 28.38 -15.57 -12.01
CA SER D 81 29.01 -16.29 -10.92
C SER D 81 28.04 -17.08 -10.03
N PHE D 82 26.85 -16.52 -9.78
CA PHE D 82 25.89 -17.25 -8.99
C PHE D 82 25.53 -18.55 -9.72
N LEU D 83 25.24 -18.39 -10.98
CA LEU D 83 24.77 -19.51 -11.82
C LEU D 83 25.92 -20.53 -12.08
N SER D 84 27.14 -20.03 -12.26
CA SER D 84 28.31 -20.91 -12.51
C SER D 84 28.86 -21.67 -11.31
N THR D 85 29.00 -21.01 -10.18
CA THR D 85 29.65 -21.56 -9.00
C THR D 85 28.95 -21.40 -7.68
N LYS D 86 27.70 -20.95 -7.71
CA LYS D 86 26.89 -20.82 -6.48
C LYS D 86 27.57 -19.85 -5.53
N LEU D 87 28.09 -18.81 -6.13
CA LEU D 87 28.85 -17.79 -5.44
C LEU D 87 28.04 -16.49 -5.44
N ILE D 88 27.99 -15.82 -4.28
CA ILE D 88 27.48 -14.47 -4.24
C ILE D 88 28.70 -13.54 -4.17
N SER D 89 28.80 -12.67 -5.15
CA SER D 89 29.96 -11.83 -5.39
C SER D 89 29.48 -10.59 -6.10
N LEU D 90 30.19 -9.45 -5.96
CA LEU D 90 29.83 -8.25 -6.68
C LEU D 90 30.10 -8.32 -8.19
N ARG D 91 29.24 -7.66 -8.96
CA ARG D 91 29.39 -7.57 -10.41
C ARG D 91 30.66 -6.74 -10.79
N ASP D 92 30.91 -5.70 -10.03
CA ASP D 92 32.18 -4.93 -10.15
C ASP D 92 33.20 -5.47 -9.16
N LYS D 93 34.20 -6.18 -9.67
CA LYS D 93 35.13 -6.91 -8.81
C LYS D 93 36.06 -6.00 -7.97
N SER D 94 36.15 -4.73 -8.32
CA SER D 94 36.91 -3.75 -7.53
C SER D 94 36.15 -3.08 -6.39
N LYS D 95 34.87 -3.41 -6.20
CA LYS D 95 34.10 -2.82 -5.12
C LYS D 95 33.97 -3.81 -3.96
N ALA D 96 33.45 -3.33 -2.84
CA ALA D 96 33.30 -4.19 -1.63
C ALA D 96 31.89 -3.97 -1.12
N PHE D 97 31.41 -4.84 -0.27
CA PHE D 97 30.08 -4.63 0.32
C PHE D 97 30.07 -3.50 1.30
N PRO D 98 29.02 -2.72 1.27
CA PRO D 98 28.83 -1.86 2.43
C PRO D 98 29.04 -2.54 3.75
N ALA D 99 29.79 -1.88 4.64
CA ALA D 99 30.18 -2.49 5.90
C ALA D 99 29.80 -1.66 7.13
N ASN D 100 28.68 -0.94 7.05
CA ASN D 100 28.14 -0.25 8.22
C ASN D 100 26.80 -0.86 8.69
N ASP D 101 26.82 -2.17 8.81
CA ASP D 101 25.78 -2.98 9.28
C ASP D 101 24.39 -2.74 8.62
N GLN D 102 24.37 -2.40 7.34
CA GLN D 102 23.14 -2.32 6.61
C GLN D 102 22.73 -3.71 6.16
N SER D 103 21.42 -3.94 6.14
CA SER D 103 20.88 -5.18 5.60
C SER D 103 20.85 -5.13 4.06
N LEU D 104 21.64 -6.01 3.46
CA LEU D 104 21.80 -6.01 2.02
C LEU D 104 21.09 -7.29 1.50
N GLY D 105 20.00 -7.11 0.77
CA GLY D 105 19.29 -8.21 0.04
C GLY D 105 20.13 -8.55 -1.19
N VAL D 106 20.70 -9.73 -1.24
CA VAL D 106 21.55 -10.08 -2.30
C VAL D 106 20.92 -11.09 -3.27
N LEU D 107 19.98 -11.89 -2.77
CA LEU D 107 19.41 -12.96 -3.58
C LEU D 107 17.98 -13.15 -3.12
N ARG D 108 17.06 -13.39 -4.07
CA ARG D 108 15.63 -13.67 -3.76
C ARG D 108 15.19 -14.89 -4.56
N TRP D 109 14.17 -15.55 -4.07
CA TRP D 109 13.56 -16.67 -4.73
C TRP D 109 12.07 -16.69 -4.37
N ARG D 110 11.32 -17.33 -5.24
CA ARG D 110 9.89 -17.49 -5.02
C ARG D 110 9.42 -18.78 -5.63
N LYS D 111 8.63 -19.51 -4.90
CA LYS D 111 8.07 -20.77 -5.51
C LYS D 111 6.64 -20.87 -5.15
N VAL D 112 5.84 -21.44 -6.08
CA VAL D 112 4.39 -21.62 -5.88
C VAL D 112 3.96 -23.08 -6.04
N ALA D 113 2.92 -23.45 -5.32
CA ALA D 113 2.36 -24.75 -5.50
C ALA D 113 0.83 -24.64 -5.59
N PRO D 114 0.24 -25.58 -6.30
CA PRO D 114 -1.20 -25.42 -6.60
C PRO D 114 -2.06 -26.22 -5.67
N ALA D 115 -3.33 -26.40 -6.06
CA ALA D 115 -4.30 -27.14 -5.22
C ALA D 115 -3.79 -28.54 -4.92
N GLU D 116 -4.02 -28.98 -3.71
CA GLU D 116 -3.74 -30.35 -3.23
C GLU D 116 -2.25 -30.67 -3.20
N ASP D 117 -1.36 -29.66 -3.22
CA ASP D 117 0.07 -29.96 -3.20
C ASP D 117 0.60 -29.41 -1.90
N ASP D 118 1.18 -30.29 -1.06
CA ASP D 118 1.68 -29.91 0.28
C ASP D 118 3.21 -29.71 0.38
N SER D 119 3.88 -29.67 -0.75
CA SER D 119 5.34 -29.64 -0.71
C SER D 119 5.94 -28.40 -0.05
N LEU D 120 5.19 -27.29 0.00
CA LEU D 120 5.69 -26.06 0.56
C LEU D 120 5.15 -25.75 1.93
N ILE D 121 4.24 -26.62 2.45
CA ILE D 121 3.48 -26.34 3.59
C ILE D 121 4.08 -26.95 4.86
N PRO D 122 4.40 -26.11 5.85
CA PRO D 122 4.94 -26.67 7.14
C PRO D 122 3.90 -27.15 8.11
N LEU D 123 2.69 -26.62 7.98
CA LEU D 123 1.64 -26.91 8.92
C LEU D 123 0.31 -27.01 8.19
N THR D 124 -0.25 -28.23 8.16
CA THR D 124 -1.56 -28.44 7.51
C THR D 124 -2.67 -28.15 8.52
N LEU D 125 -3.82 -27.74 8.02
CA LEU D 125 -4.96 -27.29 8.82
C LEU D 125 -6.23 -27.91 8.29
N THR D 126 -7.15 -28.21 9.20
CA THR D 126 -8.52 -28.55 8.87
C THR D 126 -9.41 -27.93 9.94
N THR D 127 -10.61 -27.57 9.55
CA THR D 127 -11.56 -27.07 10.53
C THR D 127 -12.89 -27.85 10.49
N ALA D 128 -13.56 -27.87 11.62
CA ALA D 128 -14.91 -28.43 11.75
C ALA D 128 -15.67 -27.46 12.61
N VAL D 129 -16.86 -27.10 12.18
CA VAL D 129 -17.68 -26.17 12.89
C VAL D 129 -19.10 -26.75 13.01
N SER D 130 -19.75 -26.49 14.14
CA SER D 130 -21.16 -26.79 14.32
C SER D 130 -21.77 -25.82 15.27
N PRO D 131 -23.11 -25.62 15.16
CA PRO D 131 -23.75 -24.77 16.17
C PRO D 131 -23.51 -25.34 17.55
N SER D 132 -23.17 -24.50 18.52
CA SER D 132 -22.93 -25.03 19.85
C SER D 132 -24.23 -25.23 20.60
N GLU D 133 -24.14 -26.08 21.62
CA GLU D 133 -25.03 -25.87 22.76
C GLU D 133 -24.42 -25.93 24.18
N SER D 134 -24.94 -24.99 24.93
CA SER D 134 -24.44 -24.51 26.19
C SER D 134 -23.48 -23.35 25.89
N GLN D 135 -23.94 -22.49 24.98
CA GLN D 135 -23.61 -21.05 24.91
C GLN D 135 -24.03 -20.73 23.51
N GLN D 136 -23.80 -19.47 23.14
CA GLN D 136 -24.43 -18.78 22.03
C GLN D 136 -23.50 -18.49 20.84
N GLY D 137 -23.24 -19.51 20.05
CA GLY D 137 -22.20 -19.41 19.04
C GLY D 137 -21.86 -20.80 18.52
N PHE D 138 -20.64 -20.95 18.02
CA PHE D 138 -20.25 -22.12 17.24
C PHE D 138 -19.12 -22.84 17.94
N ASP D 139 -19.16 -24.17 17.85
CA ASP D 139 -18.10 -25.04 18.43
C ASP D 139 -17.17 -25.34 17.28
N VAL D 140 -15.95 -24.84 17.41
CA VAL D 140 -14.97 -24.91 16.38
C VAL D 140 -13.87 -25.89 16.78
N ILE D 141 -13.42 -26.67 15.82
CA ILE D 141 -12.25 -27.50 15.99
C ILE D 141 -11.28 -27.22 14.85
N ILE D 142 -10.07 -26.82 15.23
CA ILE D 142 -8.99 -26.59 14.24
C ILE D 142 -7.99 -27.70 14.45
N GLU D 143 -7.85 -28.54 13.42
CA GLU D 143 -6.84 -29.57 13.47
C GLU D 143 -5.63 -29.22 12.69
N TYR D 144 -4.47 -29.52 13.24
CA TYR D 144 -3.21 -29.16 12.63
C TYR D 144 -2.20 -30.32 12.68
N GLU D 145 -1.33 -30.36 11.69
CA GLU D 145 -0.22 -31.29 11.64
C GLU D 145 1.01 -30.58 11.13
N SER D 146 2.09 -30.63 11.90
CA SER D 146 3.39 -30.09 11.53
C SER D 146 4.21 -31.12 10.79
N VAL D 147 4.84 -30.73 9.72
CA VAL D 147 5.95 -31.53 9.13
C VAL D 147 7.36 -30.99 9.40
N LEU D 148 7.49 -30.06 10.31
CA LEU D 148 8.76 -29.53 10.62
C LEU D 148 9.54 -30.45 11.57
N GLU D 149 10.86 -30.35 11.51
CA GLU D 149 11.76 -31.12 12.37
C GLU D 149 12.04 -30.42 13.67
N THR D 150 11.53 -29.21 13.82
CA THR D 150 11.70 -28.46 15.05
C THR D 150 10.35 -28.02 15.54
N GLU D 151 10.26 -27.65 16.83
CA GLU D 151 9.00 -27.24 17.44
C GLU D 151 8.60 -25.84 16.94
N LEU D 152 7.28 -25.63 16.81
CA LEU D 152 6.77 -24.25 16.63
C LEU D 152 6.26 -23.82 17.99
N ALA D 153 6.72 -22.66 18.46
CA ALA D 153 6.29 -22.13 19.70
C ALA D 153 5.36 -20.96 19.42
N ASP D 154 4.38 -20.77 20.31
CA ASP D 154 3.54 -19.54 20.30
C ASP D 154 2.81 -19.30 18.96
N VAL D 155 2.06 -20.28 18.53
CA VAL D 155 1.35 -20.28 17.27
C VAL D 155 0.01 -19.66 17.55
N ILE D 156 -0.35 -18.65 16.75
CA ILE D 156 -1.56 -17.88 17.01
C ILE D 156 -2.59 -18.10 15.94
N PHE D 157 -3.78 -18.46 16.36
CA PHE D 157 -4.94 -18.58 15.46
C PHE D 157 -5.87 -17.40 15.67
N THR D 158 -6.32 -16.74 14.60
CA THR D 158 -7.18 -15.56 14.71
C THR D 158 -8.48 -15.80 13.98
N ILE D 159 -9.58 -15.56 14.68
CA ILE D 159 -10.90 -15.70 14.16
C ILE D 159 -11.43 -14.26 14.02
N PRO D 160 -11.91 -13.89 12.86
CA PRO D 160 -12.34 -12.46 12.53
C PRO D 160 -13.68 -12.01 13.08
N VAL D 161 -13.87 -12.20 14.37
CA VAL D 161 -15.13 -11.80 15.03
C VAL D 161 -14.74 -11.16 16.33
N PHE D 162 -15.62 -10.36 16.88
CA PHE D 162 -15.38 -9.75 18.17
C PHE D 162 -16.56 -10.06 19.03
N PRO D 163 -16.60 -11.24 19.66
CA PRO D 163 -17.83 -11.60 20.39
C PRO D 163 -18.09 -10.86 21.69
N GLN D 164 -19.37 -10.68 22.00
CA GLN D 164 -19.84 -10.06 23.29
C GLN D 164 -19.57 -10.93 24.51
N GLU D 165 -19.55 -12.25 24.30
CA GLU D 165 -19.18 -13.22 25.34
C GLU D 165 -17.73 -13.70 25.21
N PRO D 166 -17.05 -13.98 26.34
CA PRO D 166 -15.70 -14.58 26.28
C PRO D 166 -15.63 -15.90 25.50
N VAL D 167 -14.50 -16.14 24.83
CA VAL D 167 -14.24 -17.42 24.19
C VAL D 167 -14.12 -18.49 25.23
N ASP D 168 -14.70 -19.67 24.96
CA ASP D 168 -14.54 -20.82 25.84
C ASP D 168 -13.65 -21.84 25.13
N ILE D 169 -12.44 -22.00 25.64
CA ILE D 169 -11.47 -23.02 25.20
C ILE D 169 -11.93 -24.40 25.70
N ASN D 170 -12.13 -25.32 24.79
CA ASN D 170 -12.63 -26.64 25.15
C ASN D 170 -11.40 -27.51 25.31
N THR D 171 -10.88 -27.49 26.55
CA THR D 171 -9.57 -28.05 26.90
C THR D 171 -9.52 -29.56 26.65
N GLU D 172 -10.68 -30.19 26.76
CA GLU D 172 -10.71 -31.63 26.64
C GLU D 172 -10.79 -32.15 25.23
N SER D 173 -11.18 -31.28 24.29
CA SER D 173 -11.37 -31.67 22.93
C SER D 173 -10.15 -31.14 22.16
N SER D 174 -9.47 -30.16 22.76
CA SER D 174 -8.33 -29.55 22.11
C SER D 174 -7.15 -30.36 22.63
N THR D 175 -5.94 -29.91 22.30
CA THR D 175 -4.72 -30.59 22.72
C THR D 175 -4.44 -30.41 24.18
N CYS D 176 -3.28 -30.96 24.53
CA CYS D 176 -2.81 -31.04 25.88
C CYS D 176 -1.39 -30.42 25.86
N SER D 177 -1.08 -29.75 24.74
CA SER D 177 -0.55 -28.38 24.82
C SER D 177 -1.73 -27.44 25.09
N ASP D 178 -1.38 -26.28 25.64
CA ASP D 178 -2.31 -25.39 26.29
C ASP D 178 -2.54 -24.15 25.44
N ALA D 179 -3.75 -23.63 25.56
CA ALA D 179 -4.27 -22.58 24.74
C ALA D 179 -4.79 -21.48 25.57
N GLU D 180 -4.62 -20.23 25.11
CA GLU D 180 -5.22 -19.11 25.79
C GLU D 180 -5.42 -17.92 24.85
N VAL D 181 -6.40 -17.12 25.14
CA VAL D 181 -6.62 -15.98 24.30
C VAL D 181 -5.50 -15.00 24.57
N VAL D 182 -5.08 -14.29 23.53
CA VAL D 182 -4.02 -13.29 23.63
C VAL D 182 -4.36 -12.09 22.79
N ASN D 183 -3.73 -10.99 23.13
CA ASN D 183 -3.85 -9.78 22.30
C ASN D 183 -2.85 -9.96 21.16
N MET D 184 -3.30 -9.78 19.93
CA MET D 184 -2.43 -9.88 18.79
C MET D 184 -2.96 -8.92 17.74
N ASP D 185 -2.43 -7.71 17.65
CA ASP D 185 -3.13 -6.79 16.72
C ASP D 185 -2.68 -6.76 15.23
N GLN D 186 -1.75 -7.64 14.85
CA GLN D 186 -1.37 -7.90 13.44
C GLN D 186 -2.48 -8.54 12.65
N GLU D 187 -3.46 -9.15 13.31
CA GLU D 187 -4.61 -9.69 12.58
C GLU D 187 -5.87 -9.21 13.30
N MET D 188 -6.94 -9.03 12.55
CA MET D 188 -8.19 -8.50 13.11
C MET D 188 -9.07 -9.63 13.62
N GLY D 189 -9.44 -9.51 14.88
CA GLY D 189 -10.38 -10.40 15.50
C GLY D 189 -9.83 -10.91 16.80
N THR D 190 -10.25 -12.09 17.16
CA THR D 190 -9.95 -12.69 18.41
C THR D 190 -8.87 -13.74 18.24
N SER D 191 -7.85 -13.68 19.09
CA SER D 191 -6.68 -14.50 18.85
C SER D 191 -6.41 -15.48 19.97
N ILE D 192 -6.12 -16.71 19.57
CA ILE D 192 -5.81 -17.82 20.57
C ILE D 192 -4.46 -18.39 20.30
N LYS D 193 -3.64 -18.51 21.33
CA LYS D 193 -2.29 -18.85 21.18
C LYS D 193 -2.15 -20.23 21.72
N ILE D 194 -1.44 -21.05 20.98
CA ILE D 194 -1.04 -22.33 21.51
CA ILE D 194 -1.05 -22.32 21.54
C ILE D 194 0.45 -22.32 21.81
N SER D 195 0.81 -22.90 22.95
CA SER D 195 2.19 -22.76 23.43
C SER D 195 3.19 -23.46 22.52
N LYS D 196 2.88 -24.67 22.08
CA LYS D 196 3.80 -25.46 21.27
C LYS D 196 3.10 -26.37 20.32
N ILE D 197 3.72 -26.52 19.15
CA ILE D 197 3.43 -27.65 18.24
C ILE D 197 4.75 -28.36 18.07
N ALA D 198 4.87 -29.52 18.70
CA ALA D 198 6.06 -30.33 18.61
C ALA D 198 6.41 -30.70 17.13
N ALA D 199 7.71 -30.88 16.87
CA ALA D 199 8.17 -31.42 15.58
C ALA D 199 7.34 -32.64 15.19
N ASN D 200 6.86 -32.63 13.96
CA ASN D 200 6.15 -33.73 13.34
C ASN D 200 4.83 -34.14 14.01
N ASP D 201 4.33 -33.32 14.92
CA ASP D 201 3.18 -33.68 15.73
C ASP D 201 1.86 -33.17 15.13
N ALA D 202 0.79 -33.88 15.44
CA ALA D 202 -0.57 -33.52 15.05
C ALA D 202 -1.40 -33.20 16.31
N GLY D 203 -2.25 -32.18 16.25
CA GLY D 203 -3.01 -31.73 17.41
C GLY D 203 -4.29 -31.04 16.98
N ALA D 204 -5.01 -30.53 17.96
CA ALA D 204 -6.27 -29.88 17.72
C ALA D 204 -6.51 -28.77 18.73
N LEU D 205 -7.17 -27.73 18.26
CA LEU D 205 -7.63 -26.62 19.08
C LEU D 205 -9.11 -26.52 18.96
N ALA D 206 -9.79 -26.54 20.12
CA ALA D 206 -11.20 -26.59 20.18
C ALA D 206 -11.74 -25.51 21.11
N PHE D 207 -12.75 -24.78 20.64
CA PHE D 207 -13.31 -23.69 21.40
C PHE D 207 -14.69 -23.39 20.91
N THR D 208 -15.39 -22.61 21.71
CA THR D 208 -16.66 -22.09 21.35
C THR D 208 -16.59 -20.59 21.30
N ILE D 209 -17.15 -20.01 20.25
CA ILE D 209 -17.08 -18.56 20.02
C ILE D 209 -18.38 -18.09 19.40
N GLU D 210 -18.82 -16.90 19.79
CA GLU D 210 -20.03 -16.28 19.22
C GLU D 210 -19.77 -15.67 17.88
N ALA D 211 -20.70 -15.87 16.96
CA ALA D 211 -20.67 -15.27 15.67
C ALA D 211 -22.08 -15.25 15.17
N PRO D 212 -22.40 -14.32 14.27
CA PRO D 212 -23.75 -14.23 13.75
C PRO D 212 -24.16 -15.33 12.78
N TYR D 213 -23.22 -15.90 12.03
CA TYR D 213 -23.48 -17.03 11.16
C TYR D 213 -22.14 -17.68 10.88
N GLU D 214 -22.19 -18.94 10.45
CA GLU D 214 -21.00 -19.76 10.29
C GLU D 214 -19.90 -19.08 9.44
N ASP D 215 -20.30 -18.46 8.34
CA ASP D 215 -19.31 -17.97 7.38
C ASP D 215 -18.52 -16.77 7.93
N ALA D 216 -19.01 -16.17 9.02
CA ALA D 216 -18.36 -15.05 9.66
C ALA D 216 -17.11 -15.46 10.40
N LEU D 217 -17.01 -16.74 10.71
CA LEU D 217 -15.88 -17.28 11.38
C LEU D 217 -14.65 -17.39 10.45
N TYR D 218 -14.81 -17.19 9.16
CA TYR D 218 -13.75 -17.39 8.22
C TYR D 218 -13.44 -16.03 7.52
N PRO D 219 -12.20 -15.81 7.03
CA PRO D 219 -11.00 -16.63 7.07
C PRO D 219 -10.38 -16.73 8.46
N MET D 220 -9.97 -17.93 8.84
CA MET D 220 -9.18 -18.11 10.07
C MET D 220 -7.73 -18.00 9.68
N THR D 221 -6.99 -17.17 10.40
CA THR D 221 -5.65 -16.97 10.07
C THR D 221 -4.79 -17.65 11.11
N VAL D 222 -3.67 -18.21 10.67
CA VAL D 222 -2.64 -18.68 11.58
C VAL D 222 -1.36 -17.87 11.44
N SER D 223 -0.75 -17.57 12.59
CA SER D 223 0.48 -16.78 12.66
CA SER D 223 0.48 -16.78 12.67
C SER D 223 1.57 -17.55 13.44
N PHE D 224 2.73 -17.78 12.80
CA PHE D 224 3.88 -18.46 13.45
C PHE D 224 5.21 -17.96 12.86
N GLN D 225 6.29 -18.18 13.61
CA GLN D 225 7.64 -17.72 13.24
C GLN D 225 8.65 -18.57 14.02
N GLU D 226 9.64 -19.09 13.35
CA GLU D 226 10.76 -19.73 14.01
C GLU D 226 12.03 -19.26 13.34
N SER D 227 13.11 -19.24 14.12
CA SER D 227 14.41 -18.98 13.60
C SER D 227 15.46 -19.82 14.33
N THR D 228 16.57 -20.03 13.67
CA THR D 228 17.72 -20.73 14.30
C THR D 228 18.97 -19.95 13.91
N ARG D 229 19.88 -19.75 14.87
CA ARG D 229 21.12 -19.12 14.60
C ARG D 229 22.19 -20.23 14.68
N ASP D 230 22.78 -20.54 13.54
CA ASP D 230 23.70 -21.69 13.46
C ASP D 230 24.33 -21.64 12.09
N LYS D 231 25.66 -21.64 12.04
CA LYS D 231 26.39 -21.54 10.78
C LYS D 231 25.91 -22.54 9.74
N LEU D 232 25.45 -23.67 10.20
CA LEU D 232 25.08 -24.78 9.34
C LEU D 232 23.54 -24.88 9.12
N ALA D 233 22.80 -23.89 9.65
CA ALA D 233 21.34 -23.88 9.53
C ALA D 233 20.96 -23.92 8.05
N LYS D 234 19.92 -24.68 7.73
CA LYS D 234 19.28 -24.74 6.42
C LYS D 234 17.85 -24.22 6.52
N SER D 235 17.42 -23.45 5.54
CA SER D 235 16.10 -22.90 5.51
C SER D 235 15.10 -24.03 5.22
N PHE D 236 13.82 -23.70 5.35
CA PHE D 236 12.74 -24.61 5.01
C PHE D 236 12.92 -25.20 3.61
N THR D 237 13.33 -24.43 2.65
CA THR D 237 13.56 -25.00 1.31
C THR D 237 14.92 -25.57 1.04
N GLY D 238 15.79 -25.53 2.02
CA GLY D 238 17.12 -25.99 1.82
C GLY D 238 18.20 -25.03 1.47
N MET D 239 17.92 -23.72 1.55
CA MET D 239 18.96 -22.74 1.40
C MET D 239 19.91 -22.67 2.59
N ALA D 240 21.18 -22.56 2.24
CA ALA D 240 22.21 -22.67 3.26
C ALA D 240 23.51 -22.17 2.70
N ILE D 241 24.42 -21.79 3.58
CA ILE D 241 25.76 -21.29 3.22
C ILE D 241 26.75 -22.41 3.51
N GLN D 242 27.66 -22.61 2.59
CA GLN D 242 28.75 -23.56 2.72
C GLN D 242 29.96 -22.83 3.41
N SER D 243 30.28 -21.63 2.92
CA SER D 243 31.33 -20.85 3.52
C SER D 243 31.26 -19.42 3.06
N VAL D 244 32.09 -18.61 3.72
CA VAL D 244 32.34 -17.27 3.33
C VAL D 244 33.86 -17.14 3.17
N VAL D 245 34.23 -16.47 2.11
CA VAL D 245 35.58 -16.55 1.55
C VAL D 245 36.02 -15.16 1.08
N MET D 246 37.32 -14.88 1.11
CA MET D 246 37.86 -13.62 0.60
C MET D 246 37.60 -13.57 -0.86
N ALA D 247 37.19 -12.41 -1.38
CA ALA D 247 36.82 -12.32 -2.79
C ALA D 247 38.01 -12.58 -3.69
N ASN D 248 39.19 -12.23 -3.24
CA ASN D 248 40.40 -12.46 -4.07
C ASN D 248 40.79 -13.92 -4.02
N ASP D 249 40.69 -14.47 -2.81
CA ASP D 249 41.35 -15.71 -2.45
C ASP D 249 40.33 -16.65 -1.85
N HIS D 250 39.72 -17.45 -2.73
CA HIS D 250 38.69 -18.37 -2.31
C HIS D 250 39.13 -19.50 -1.38
N ASP D 251 40.43 -19.67 -1.15
CA ASP D 251 40.94 -20.58 -0.10
C ASP D 251 40.96 -19.97 1.31
N GLN D 252 40.86 -18.65 1.41
CA GLN D 252 40.86 -17.96 2.69
C GLN D 252 39.41 -17.75 3.17
N GLU D 253 39.02 -18.53 4.15
CA GLU D 253 37.68 -18.47 4.72
C GLU D 253 37.60 -17.43 5.82
N LEU D 254 36.39 -16.88 6.01
CA LEU D 254 36.18 -15.79 6.97
C LEU D 254 35.14 -16.19 7.98
N PRO D 255 35.16 -15.57 9.18
CA PRO D 255 34.21 -15.94 10.18
C PRO D 255 32.84 -15.35 9.84
N TYR D 256 31.78 -16.04 10.24
CA TYR D 256 30.41 -15.54 9.95
C TYR D 256 29.42 -16.34 10.73
N ASP D 257 28.19 -15.83 10.80
CA ASP D 257 27.13 -16.50 11.42
C ASP D 257 25.93 -16.45 10.45
N VAL D 258 24.97 -17.32 10.69
CA VAL D 258 23.79 -17.49 9.84
C VAL D 258 22.62 -17.61 10.76
N ILE D 259 21.57 -16.84 10.47
CA ILE D 259 20.26 -17.06 11.00
C ILE D 259 19.34 -17.51 9.85
N THR D 260 18.62 -18.58 10.05
CA THR D 260 17.47 -18.88 9.16
C THR D 260 16.17 -18.67 9.86
N SER D 261 15.14 -18.29 9.07
CA SER D 261 13.81 -18.05 9.62
C SER D 261 12.76 -18.52 8.62
N LEU D 262 11.61 -18.85 9.19
CA LEU D 262 10.40 -19.14 8.41
C LEU D 262 9.29 -18.47 9.21
N LYS D 263 8.52 -17.67 8.49
CA LYS D 263 7.42 -16.87 9.06
C LYS D 263 6.20 -17.09 8.14
N SER D 264 5.04 -17.25 8.74
CA SER D 264 3.77 -17.21 7.98
C SER D 264 3.50 -15.77 7.53
N ASP D 265 2.72 -15.63 6.47
CA ASP D 265 2.11 -14.35 6.10
C ASP D 265 0.58 -14.57 5.85
N GLU D 266 0.15 -14.78 4.63
CA GLU D 266 -1.23 -15.03 4.37
C GLU D 266 -1.43 -16.56 4.45
N TYR D 267 -1.72 -17.03 5.64
CA TYR D 267 -1.77 -18.49 5.99
C TYR D 267 -3.10 -18.67 6.63
N LEU D 268 -4.05 -19.07 5.78
CA LEU D 268 -5.39 -19.10 6.25
C LEU D 268 -6.26 -20.23 5.76
N VAL D 269 -7.37 -20.36 6.47
CA VAL D 269 -8.44 -21.21 6.02
C VAL D 269 -9.68 -20.40 5.71
N GLN D 270 -10.26 -20.67 4.58
CA GLN D 270 -11.29 -19.84 4.03
C GLN D 270 -12.43 -20.65 3.45
N ASP E 2 7.26 9.65 -13.50
CA ASP E 2 7.82 8.73 -12.45
C ASP E 2 9.25 9.25 -11.96
N TRP E 3 9.77 8.71 -10.85
CA TRP E 3 10.99 9.27 -10.12
C TRP E 3 12.13 8.32 -10.01
N ASN E 4 11.93 7.12 -10.52
CA ASN E 4 13.03 6.16 -10.60
C ASN E 4 13.62 6.19 -12.01
N TRP E 5 13.76 7.35 -12.66
CA TRP E 5 14.28 7.30 -14.00
C TRP E 5 15.78 7.46 -13.86
N GLU E 6 16.50 7.09 -14.91
CA GLU E 6 17.94 6.92 -14.84
C GLU E 6 18.62 7.71 -15.91
N VAL E 7 19.79 8.24 -15.55
CA VAL E 7 20.72 8.74 -16.52
C VAL E 7 21.92 7.77 -16.51
N ASP F 2 -7.22 -0.89 16.80
CA ASP F 2 -7.65 -0.94 15.38
C ASP F 2 -9.09 -0.46 15.26
N TRP F 3 -9.48 -0.19 14.01
CA TRP F 3 -10.69 0.57 13.76
C TRP F 3 -11.76 -0.17 13.01
N ASN F 4 -11.50 -1.42 12.63
CA ASN F 4 -12.64 -2.23 12.19
C ASN F 4 -12.96 -3.34 13.20
N TRP F 5 -13.67 -2.97 14.29
CA TRP F 5 -14.24 -3.89 15.25
C TRP F 5 -15.70 -3.57 15.30
N GLU F 6 -16.53 -4.53 15.70
CA GLU F 6 -17.98 -4.33 15.75
C GLU F 6 -18.63 -4.79 17.07
N VAL F 7 -19.90 -4.47 17.21
CA VAL F 7 -20.66 -4.88 18.35
C VAL F 7 -21.76 -5.81 17.84
N ASP G 2 -14.95 -2.86 -3.96
CA ASP G 2 -16.44 -2.95 -3.97
C ASP G 2 -16.97 -4.01 -3.01
N TRP G 3 -16.19 -4.27 -1.94
CA TRP G 3 -16.49 -5.28 -0.90
C TRP G 3 -16.61 -4.61 0.44
N ASN G 4 -17.01 -3.35 0.44
CA ASN G 4 -17.40 -2.75 1.68
C ASN G 4 -18.91 -2.50 1.78
N TRP G 5 -19.65 -2.88 0.75
CA TRP G 5 -21.03 -2.50 0.72
C TRP G 5 -21.76 -3.34 1.76
N GLU G 6 -22.89 -2.83 2.23
CA GLU G 6 -23.56 -3.38 3.38
C GLU G 6 -25.02 -3.05 3.25
N VAL G 7 -25.86 -3.71 4.05
CA VAL G 7 -27.22 -3.23 4.28
C VAL G 7 -28.04 -4.22 5.10
N ASP H 2 15.31 -3.85 1.45
CA ASP H 2 16.80 -4.03 1.44
C ASP H 2 17.31 -4.31 0.03
N TRP H 3 16.61 -3.78 -0.99
CA TRP H 3 16.99 -3.98 -2.39
C TRP H 3 17.47 -2.71 -3.03
N ASN H 4 17.19 -1.55 -2.42
CA ASN H 4 17.72 -0.32 -3.00
C ASN H 4 19.11 0.11 -2.45
N TRP H 5 20.01 -0.85 -2.11
CA TRP H 5 21.41 -0.47 -1.85
C TRP H 5 22.21 -0.44 -3.16
N GLU H 6 23.40 0.18 -3.16
CA GLU H 6 24.17 0.34 -4.40
C GLU H 6 25.70 0.54 -4.29
N VAL H 7 26.43 -0.36 -4.92
CA VAL H 7 27.88 -0.43 -4.82
C VAL H 7 28.49 -0.97 -6.13
#